data_9F6V
#
_entry.id   9F6V
#
_cell.length_a   1.00
_cell.length_b   1.00
_cell.length_c   1.00
_cell.angle_alpha   90.00
_cell.angle_beta   90.00
_cell.angle_gamma   90.00
#
_symmetry.space_group_name_H-M   'P 1'
#
loop_
_entity.id
_entity.type
_entity.pdbx_description
1 polymer 'Asgard tubulin A (AtubA) from Candidatus Lokiarchaeum ossiferum'
2 polymer 'Asgard tubulin B homolog (AtubB2) from Candidatus Lokiarchaeum ossiferum'
3 non-polymer "GUANOSINE-5'-TRIPHOSPHATE"
#
loop_
_entity_poly.entity_id
_entity_poly.type
_entity_poly.pdbx_seq_one_letter_code
_entity_poly.pdbx_strand_id
1 'polypeptide(L)'
;MAGEIVCIQVGQAGNQIAGAFWQKICAEHGIDPVNGKAIDVVGDTDIFFNTIGDKYIPRAVVVDLEPAVVENIREKFGTL
FDPKSIVSGADGAGNNFAIGFNEHGAETLEKVMQVVEQRVSETESIGGFILTHSCGGGTGSGFGSKILKTIRERYPKVPI
FTFSIFPSPKISETVVEPYNAIMTLSNLIKYASCSIVLDNEALFSIAEKKLEVENPSLEDLNLIIAQVLTNVTASLRFSG
TLNLDLGKLVTNLVPFSNLHFLMASTAPLVLAGKESYEKMTAKELSAQVFGDEYICAACKPTTGRYLAASVLFRGAVKTS
DVNEAMATVKEQNSFVNWIPTGFKISKSETSPKDSALGVIMLGNNSEIVSVFERIGANFDRLWSRKAFAHWFTDSGFEEK
DLDDARALVQKVIDDYRKLTEDA
;
A
2 'polypeptide(L)'
;MAREVITIHVGELGIQIAPNFWKYLCDEHNIDYKGQEKGKIRGVIDNFFEKASIGKWIPRTILVDLGPNAIRKVTKKDMK
DFFDPKRCVMGLAGDANLFAKGYYSYGTRFMEEIMDKIQKEVDQTEHLQGFIVVHSIGDGTGAGLAPLIMEAIKKKHPKL
VMMSYSIVPSQNMDCSTILPYNAILSLDKLTSCADISMIIDNDSIYRIVATQGKENELSESIFDQVLAKALVEITATLRF
NSPLNRSMMEMSTNLVPFPRNHFLMTSMSPLETSLTSAHQKIETKELMQDLIDQDHILAPITVEKGVFTAFVIALRGENP
HSILQNSIKGFGDRVKFSEIFPTAIKADSTTLTDEKLARSGITLMNHSGVANLFQFLLTQFELMYDHDAFTTWYYQEGMQ
PSEFEAAKNNIQKLITEYKQDEY
;
D
#
loop_
_chem_comp.id
_chem_comp.type
_chem_comp.name
_chem_comp.formula
GTP non-polymer GUANOSINE-5'-TRIPHOSPHATE 'C10 H16 N5 O14 P3'
#
# COMPACT_ATOMS: atom_id res chain seq x y z
N ALA A 2 -5.72 -13.87 -5.21
CA ALA A 2 -5.04 -13.77 -3.92
C ALA A 2 -5.44 -12.49 -3.20
N GLY A 3 -5.32 -12.49 -1.87
CA GLY A 3 -5.70 -11.35 -1.04
C GLY A 3 -7.19 -11.36 -0.74
N GLU A 4 -7.74 -12.54 -0.67
CA GLU A 4 -9.14 -12.83 -0.52
C GLU A 4 -9.58 -12.78 0.94
N ILE A 5 -10.83 -12.47 1.20
CA ILE A 5 -11.26 -12.28 2.60
C ILE A 5 -12.40 -13.21 3.01
N VAL A 6 -12.24 -13.88 4.14
CA VAL A 6 -13.30 -14.71 4.69
C VAL A 6 -14.00 -13.94 5.80
N CYS A 7 -15.32 -13.85 5.77
CA CYS A 7 -16.09 -13.07 6.76
C CYS A 7 -16.88 -13.92 7.75
N ILE A 8 -16.69 -13.71 9.04
CA ILE A 8 -17.34 -14.53 10.06
C ILE A 8 -18.30 -13.68 10.87
N GLN A 9 -19.55 -14.05 10.86
CA GLN A 9 -20.61 -13.29 11.49
C GLN A 9 -21.06 -14.01 12.75
N VAL A 10 -20.91 -13.42 13.93
CA VAL A 10 -21.23 -14.16 15.13
C VAL A 10 -22.26 -13.47 16.00
N GLY A 11 -23.37 -14.14 16.26
CA GLY A 11 -24.41 -13.65 17.13
C GLY A 11 -25.40 -12.85 16.34
N GLN A 12 -26.48 -12.44 17.01
CA GLN A 12 -27.54 -11.65 16.38
C GLN A 12 -27.02 -10.39 15.82
N ALA A 13 -26.33 -9.64 16.61
CA ALA A 13 -25.88 -8.37 16.13
C ALA A 13 -25.02 -8.59 14.92
N GLY A 14 -24.20 -9.61 15.00
CA GLY A 14 -23.29 -9.93 13.92
C GLY A 14 -24.02 -10.23 12.66
N ASN A 15 -25.04 -11.08 12.74
CA ASN A 15 -25.72 -11.50 11.55
C ASN A 15 -26.58 -10.41 10.96
N GLN A 16 -27.14 -9.53 11.77
CA GLN A 16 -27.97 -8.48 11.18
C GLN A 16 -27.13 -7.39 10.56
N ILE A 17 -26.04 -7.02 11.20
CA ILE A 17 -25.20 -6.00 10.63
C ILE A 17 -24.59 -6.50 9.37
N ALA A 18 -24.07 -7.68 9.44
CA ALA A 18 -23.43 -8.23 8.29
C ALA A 18 -24.42 -8.46 7.20
N GLY A 19 -25.63 -8.85 7.52
CA GLY A 19 -26.58 -9.05 6.46
C GLY A 19 -26.79 -7.78 5.69
N ALA A 20 -26.91 -6.66 6.41
CA ALA A 20 -27.07 -5.38 5.74
C ALA A 20 -25.85 -5.06 4.88
N PHE A 21 -24.67 -5.38 5.40
CA PHE A 21 -23.44 -5.20 4.65
C PHE A 21 -23.49 -5.95 3.36
N TRP A 22 -23.85 -7.22 3.44
CA TRP A 22 -23.81 -8.04 2.25
C TRP A 22 -24.80 -7.53 1.23
N GLN A 23 -25.93 -7.00 1.64
CA GLN A 23 -26.82 -6.46 0.62
C GLN A 23 -26.19 -5.25 -0.06
N LYS A 24 -25.53 -4.37 0.70
CA LYS A 24 -24.96 -3.20 0.05
C LYS A 24 -23.81 -3.58 -0.87
N ILE A 25 -22.96 -4.51 -0.45
CA ILE A 25 -21.85 -4.85 -1.29
C ILE A 25 -22.34 -5.53 -2.54
N CYS A 26 -23.41 -6.30 -2.45
CA CYS A 26 -23.90 -6.89 -3.67
C CYS A 26 -24.34 -5.82 -4.63
N ALA A 27 -24.99 -4.79 -4.14
CA ALA A 27 -25.44 -3.75 -5.05
C ALA A 27 -24.30 -3.08 -5.74
N GLU A 28 -23.24 -2.81 -5.01
CA GLU A 28 -22.14 -2.10 -5.65
C GLU A 28 -21.47 -2.92 -6.71
N HIS A 29 -21.41 -4.22 -6.56
CA HIS A 29 -20.68 -5.00 -7.51
C HIS A 29 -21.54 -5.55 -8.59
N GLY A 30 -22.78 -5.12 -8.70
CA GLY A 30 -23.60 -5.60 -9.79
C GLY A 30 -24.10 -7.02 -9.62
N ILE A 31 -24.33 -7.42 -8.40
CA ILE A 31 -24.81 -8.75 -8.05
C ILE A 31 -26.20 -8.60 -7.46
N ASP A 32 -27.15 -9.35 -7.96
CA ASP A 32 -28.48 -9.22 -7.38
C ASP A 32 -28.56 -10.07 -6.13
N PRO A 33 -28.69 -9.46 -4.96
CA PRO A 33 -28.61 -10.16 -3.68
C PRO A 33 -29.68 -11.15 -3.48
N VAL A 34 -30.75 -11.09 -4.22
CA VAL A 34 -31.81 -12.03 -3.97
C VAL A 34 -31.37 -13.42 -4.33
N ASN A 35 -30.49 -13.57 -5.32
CA ASN A 35 -30.09 -14.91 -5.70
C ASN A 35 -28.64 -15.05 -6.11
N GLY A 36 -27.85 -14.00 -6.05
CA GLY A 36 -26.46 -14.08 -6.40
C GLY A 36 -26.19 -13.97 -7.88
N LYS A 37 -27.20 -13.79 -8.70
CA LYS A 37 -26.94 -13.73 -10.13
C LYS A 37 -26.27 -12.45 -10.53
N ALA A 38 -25.33 -12.57 -11.42
CA ALA A 38 -24.67 -11.42 -11.98
C ALA A 38 -25.66 -10.55 -12.70
N ILE A 39 -25.53 -9.24 -12.54
CA ILE A 39 -26.30 -8.29 -13.32
C ILE A 39 -25.37 -7.74 -14.36
N ASP A 40 -24.32 -7.10 -13.87
CA ASP A 40 -23.24 -6.52 -14.66
C ASP A 40 -22.12 -6.33 -13.64
N VAL A 41 -21.25 -7.27 -13.54
CA VAL A 41 -20.40 -7.27 -12.38
C VAL A 41 -19.17 -6.42 -12.58
N VAL A 42 -18.89 -5.59 -11.60
CA VAL A 42 -17.80 -4.64 -11.61
C VAL A 42 -16.98 -4.72 -10.34
N GLY A 43 -15.75 -4.21 -10.39
CA GLY A 43 -14.92 -4.11 -9.19
C GLY A 43 -14.25 -5.42 -8.88
N ASP A 44 -13.46 -5.48 -7.81
CA ASP A 44 -12.79 -6.74 -7.51
C ASP A 44 -13.74 -7.62 -6.77
N THR A 45 -14.65 -8.22 -7.50
CA THR A 45 -15.70 -8.99 -6.91
C THR A 45 -15.15 -10.13 -6.13
N ASP A 46 -14.12 -10.74 -6.67
CA ASP A 46 -13.51 -11.95 -6.14
C ASP A 46 -12.90 -11.78 -4.75
N ILE A 47 -12.70 -10.58 -4.26
CA ILE A 47 -12.15 -10.47 -2.92
C ILE A 47 -13.19 -10.92 -1.89
N PHE A 48 -14.48 -10.70 -2.13
CA PHE A 48 -15.50 -11.12 -1.16
C PHE A 48 -16.42 -12.23 -1.60
N PHE A 49 -16.53 -12.52 -2.88
CA PHE A 49 -17.47 -13.52 -3.32
C PHE A 49 -16.77 -14.65 -4.04
N ASN A 50 -17.21 -15.86 -3.84
CA ASN A 50 -16.65 -16.90 -4.65
C ASN A 50 -17.48 -16.91 -5.89
N THR A 51 -17.13 -17.72 -6.87
CA THR A 51 -17.99 -17.79 -8.04
C THR A 51 -18.20 -19.22 -8.48
N ILE A 52 -19.44 -19.60 -8.64
CA ILE A 52 -19.77 -20.87 -9.26
C ILE A 52 -20.77 -20.59 -10.36
N GLY A 53 -20.47 -20.97 -11.58
CA GLY A 53 -21.39 -20.63 -12.63
C GLY A 53 -21.50 -19.13 -12.73
N ASP A 54 -22.72 -18.62 -12.69
CA ASP A 54 -22.98 -17.20 -12.76
C ASP A 54 -23.46 -16.66 -11.43
N LYS A 55 -23.26 -17.43 -10.37
CA LYS A 55 -23.68 -17.09 -9.03
C LYS A 55 -22.53 -16.59 -8.16
N TYR A 56 -22.71 -15.45 -7.54
CA TYR A 56 -21.73 -14.98 -6.62
C TYR A 56 -22.11 -15.37 -5.23
N ILE A 57 -21.19 -16.01 -4.54
CA ILE A 57 -21.47 -16.57 -3.24
C ILE A 57 -20.65 -15.89 -2.18
N PRO A 58 -21.22 -15.10 -1.34
CA PRO A 58 -20.46 -14.36 -0.38
C PRO A 58 -19.74 -15.33 0.52
N ARG A 59 -18.46 -15.08 0.77
CA ARG A 59 -17.68 -16.00 1.57
C ARG A 59 -17.87 -15.71 3.03
N ALA A 60 -19.06 -16.04 3.47
CA ALA A 60 -19.45 -15.78 4.83
C ALA A 60 -19.63 -17.07 5.58
N VAL A 61 -19.35 -17.00 6.86
CA VAL A 61 -19.57 -18.04 7.84
C VAL A 61 -20.62 -17.48 8.79
N VAL A 62 -21.76 -18.15 8.94
CA VAL A 62 -22.81 -17.59 9.75
C VAL A 62 -22.94 -18.36 11.05
N VAL A 63 -22.71 -17.72 12.18
CA VAL A 63 -22.57 -18.43 13.43
C VAL A 63 -23.48 -17.93 14.51
N ASP A 64 -24.15 -18.84 15.16
CA ASP A 64 -24.83 -18.48 16.38
C ASP A 64 -24.89 -19.71 17.24
N LEU A 65 -25.43 -19.56 18.41
CA LEU A 65 -25.65 -20.72 19.19
C LEU A 65 -27.09 -21.10 19.10
N GLU A 66 -27.95 -20.12 18.97
CA GLU A 66 -29.37 -20.37 18.93
C GLU A 66 -29.79 -20.91 17.57
N PRO A 67 -30.42 -22.08 17.53
CA PRO A 67 -30.86 -22.69 16.26
C PRO A 67 -31.60 -21.72 15.38
N ALA A 68 -32.51 -20.98 15.99
CA ALA A 68 -33.37 -20.06 15.26
C ALA A 68 -32.61 -18.92 14.63
N VAL A 69 -31.54 -18.45 15.25
CA VAL A 69 -30.91 -17.26 14.69
C VAL A 69 -30.26 -17.58 13.37
N VAL A 70 -29.60 -18.71 13.28
CA VAL A 70 -29.01 -19.00 11.99
C VAL A 70 -30.07 -19.54 11.03
N GLU A 71 -31.01 -20.36 11.51
CA GLU A 71 -32.00 -20.93 10.59
C GLU A 71 -32.87 -19.85 9.95
N ASN A 72 -33.21 -18.81 10.68
CA ASN A 72 -34.11 -17.80 10.18
C ASN A 72 -33.45 -16.83 9.24
N ILE A 73 -32.15 -16.98 9.00
CA ILE A 73 -31.49 -16.14 8.03
C ILE A 73 -32.10 -16.41 6.67
N ARG A 74 -32.65 -17.61 6.50
CA ARG A 74 -33.28 -18.03 5.25
C ARG A 74 -34.50 -17.21 4.94
N GLU A 75 -35.06 -16.53 5.91
CA GLU A 75 -36.24 -15.72 5.65
C GLU A 75 -35.87 -14.26 5.54
N LYS A 76 -34.90 -13.81 6.30
CA LYS A 76 -34.51 -12.41 6.25
C LYS A 76 -33.64 -12.10 5.03
N PHE A 77 -32.66 -12.94 4.72
CA PHE A 77 -31.78 -12.70 3.58
C PHE A 77 -31.88 -13.80 2.53
N GLY A 78 -32.36 -14.97 2.92
CA GLY A 78 -32.58 -16.07 1.99
C GLY A 78 -31.33 -16.61 1.35
N THR A 79 -31.39 -16.69 0.03
CA THR A 79 -30.36 -17.25 -0.83
C THR A 79 -29.06 -16.49 -0.74
N LEU A 80 -29.07 -15.29 -0.20
CA LEU A 80 -27.82 -14.55 -0.05
C LEU A 80 -26.76 -15.38 0.67
N PHE A 81 -27.13 -16.19 1.67
CA PHE A 81 -26.13 -16.98 2.41
C PHE A 81 -26.38 -18.47 2.22
N ASP A 82 -25.52 -19.14 1.47
CA ASP A 82 -25.78 -20.55 1.22
C ASP A 82 -25.73 -21.36 2.51
N PRO A 83 -26.61 -22.37 2.63
CA PRO A 83 -26.82 -23.19 3.83
C PRO A 83 -25.60 -23.92 4.34
N LYS A 84 -24.61 -24.14 3.51
CA LYS A 84 -23.42 -24.83 3.96
C LYS A 84 -22.64 -24.01 4.97
N SER A 85 -22.90 -22.72 5.06
CA SER A 85 -22.23 -21.84 6.01
C SER A 85 -23.02 -21.58 7.26
N ILE A 86 -24.13 -22.22 7.46
CA ILE A 86 -24.99 -21.84 8.56
C ILE A 86 -24.78 -22.80 9.76
N VAL A 87 -24.19 -22.33 10.87
CA VAL A 87 -23.80 -23.18 12.01
C VAL A 87 -24.41 -22.75 13.34
N SER A 88 -25.04 -23.69 14.05
CA SER A 88 -25.63 -23.48 15.38
C SER A 88 -25.81 -24.82 16.08
N GLY A 89 -26.26 -24.83 17.35
CA GLY A 89 -26.44 -26.11 18.01
C GLY A 89 -27.00 -26.07 19.42
N ALA A 90 -27.22 -27.28 19.96
CA ALA A 90 -27.81 -27.45 21.28
C ALA A 90 -29.09 -26.65 21.36
N ASP A 91 -29.33 -25.95 22.47
CA ASP A 91 -30.51 -25.16 22.67
C ASP A 91 -30.18 -23.70 22.68
N GLY A 92 -28.99 -23.35 22.23
CA GLY A 92 -28.55 -21.98 22.30
C GLY A 92 -28.05 -21.65 23.69
N ALA A 93 -27.66 -20.39 23.87
CA ALA A 93 -27.13 -19.90 25.13
C ALA A 93 -27.12 -18.39 25.06
N GLY A 94 -27.06 -17.70 26.21
CA GLY A 94 -26.99 -16.25 26.09
C GLY A 94 -26.88 -15.44 27.37
N ASN A 95 -26.67 -14.14 27.15
CA ASN A 95 -26.49 -13.08 28.12
C ASN A 95 -25.40 -13.34 29.15
N ASN A 96 -24.31 -13.97 28.74
CA ASN A 96 -23.20 -14.24 29.65
C ASN A 96 -21.96 -14.64 28.86
N PHE A 97 -20.94 -13.80 28.90
CA PHE A 97 -19.71 -14.09 28.18
C PHE A 97 -19.21 -15.46 28.52
N ALA A 98 -19.24 -15.79 29.79
CA ALA A 98 -18.65 -17.02 30.24
C ALA A 98 -19.34 -18.20 29.64
N ILE A 99 -20.65 -18.10 29.42
CA ILE A 99 -21.37 -19.23 28.85
C ILE A 99 -21.04 -19.35 27.40
N GLY A 100 -21.07 -18.24 26.67
CA GLY A 100 -20.73 -18.37 25.27
C GLY A 100 -19.31 -18.88 25.08
N PHE A 101 -18.40 -18.39 25.91
CA PHE A 101 -16.99 -18.72 25.78
C PHE A 101 -16.70 -20.15 26.16
N ASN A 102 -17.26 -20.67 27.27
CA ASN A 102 -16.93 -22.06 27.67
C ASN A 102 -18.03 -23.12 27.46
N GLU A 103 -19.31 -22.77 27.29
CA GLU A 103 -20.38 -23.77 27.23
C GLU A 103 -21.00 -23.92 25.86
N HIS A 104 -20.34 -23.44 24.82
CA HIS A 104 -20.88 -23.48 23.47
C HIS A 104 -21.02 -24.89 22.95
N GLY A 105 -20.22 -25.83 23.43
CA GLY A 105 -20.24 -27.21 22.97
C GLY A 105 -19.02 -27.52 22.12
N ALA A 106 -18.29 -28.58 22.45
CA ALA A 106 -17.09 -28.86 21.69
C ALA A 106 -17.40 -29.03 20.23
N GLU A 107 -18.54 -29.65 19.97
CA GLU A 107 -18.98 -29.91 18.62
C GLU A 107 -19.35 -28.62 17.90
N THR A 108 -19.91 -27.67 18.65
CA THR A 108 -20.34 -26.43 18.05
C THR A 108 -19.16 -25.66 17.51
N LEU A 109 -18.08 -25.59 18.29
CA LEU A 109 -16.92 -24.84 17.81
C LEU A 109 -16.25 -25.57 16.69
N GLU A 110 -16.20 -26.89 16.76
CA GLU A 110 -15.57 -27.59 15.66
C GLU A 110 -16.32 -27.34 14.39
N LYS A 111 -17.64 -27.33 14.44
CA LYS A 111 -18.37 -27.07 13.21
C LYS A 111 -18.04 -25.69 12.67
N VAL A 112 -17.91 -24.71 13.56
CA VAL A 112 -17.56 -23.39 13.04
C VAL A 112 -16.24 -23.45 12.35
N MET A 113 -15.27 -24.10 12.96
CA MET A 113 -13.95 -24.15 12.37
C MET A 113 -13.91 -24.97 11.10
N GLN A 114 -14.71 -26.01 10.99
CA GLN A 114 -14.70 -26.76 9.76
C GLN A 114 -15.21 -25.89 8.64
N VAL A 115 -16.22 -25.07 8.92
CA VAL A 115 -16.70 -24.19 7.89
C VAL A 115 -15.66 -23.15 7.55
N VAL A 116 -14.97 -22.61 8.55
CA VAL A 116 -13.95 -21.62 8.24
C VAL A 116 -12.90 -22.23 7.36
N GLU A 117 -12.45 -23.43 7.68
CA GLU A 117 -11.44 -24.07 6.86
C GLU A 117 -11.94 -24.31 5.46
N GLN A 118 -13.18 -24.69 5.29
CA GLN A 118 -13.69 -24.88 3.95
C GLN A 118 -13.67 -23.60 3.17
N ARG A 119 -14.06 -22.49 3.78
CA ARG A 119 -14.00 -21.25 3.02
C ARG A 119 -12.57 -20.90 2.67
N VAL A 120 -11.64 -21.24 3.55
CA VAL A 120 -10.24 -20.98 3.30
C VAL A 120 -9.70 -21.86 2.19
N SER A 121 -10.00 -23.15 2.17
CA SER A 121 -9.41 -24.01 1.16
C SER A 121 -9.91 -23.68 -0.23
N GLU A 122 -11.06 -23.08 -0.33
CA GLU A 122 -11.65 -22.66 -1.60
C GLU A 122 -11.03 -21.39 -2.13
N THR A 123 -10.19 -20.77 -1.34
CA THR A 123 -9.64 -19.46 -1.62
C THR A 123 -8.17 -19.56 -2.06
N GLU A 124 -7.78 -18.82 -3.11
CA GLU A 124 -6.41 -18.90 -3.62
C GLU A 124 -5.38 -18.51 -2.58
N SER A 125 -5.62 -17.41 -1.88
CA SER A 125 -4.70 -16.98 -0.83
C SER A 125 -5.37 -16.01 0.13
N ILE A 126 -5.35 -16.35 1.42
CA ILE A 126 -6.06 -15.58 2.42
C ILE A 126 -5.35 -14.29 2.70
N GLY A 127 -6.06 -13.19 2.56
CA GLY A 127 -5.51 -11.89 2.85
C GLY A 127 -5.90 -11.44 4.20
N GLY A 128 -6.72 -12.22 4.87
CA GLY A 128 -7.20 -11.88 6.18
C GLY A 128 -8.60 -12.34 6.43
N PHE A 129 -9.01 -12.18 7.68
CA PHE A 129 -10.34 -12.52 8.14
C PHE A 129 -11.01 -11.29 8.66
N ILE A 130 -12.31 -11.19 8.49
CA ILE A 130 -13.09 -10.11 9.06
C ILE A 130 -14.19 -10.69 9.89
N LEU A 131 -14.32 -10.22 11.10
CA LEU A 131 -15.40 -10.70 11.94
C LEU A 131 -16.32 -9.58 12.31
N THR A 132 -17.61 -9.86 12.39
CA THR A 132 -18.58 -8.88 12.82
C THR A 132 -19.28 -9.39 14.05
N HIS A 133 -19.20 -8.66 15.15
CA HIS A 133 -19.82 -9.21 16.36
C HIS A 133 -20.15 -8.17 17.41
N SER A 134 -21.06 -8.53 18.30
CA SER A 134 -21.34 -7.74 19.49
C SER A 134 -20.22 -7.90 20.49
N CYS A 135 -19.93 -6.85 21.25
CA CYS A 135 -18.94 -6.94 22.32
C CYS A 135 -19.58 -7.27 23.64
N GLY A 136 -20.87 -7.41 23.64
CA GLY A 136 -21.57 -7.65 24.87
C GLY A 136 -22.43 -8.86 24.77
N GLY A 137 -23.52 -8.81 25.50
CA GLY A 137 -24.48 -9.88 25.42
C GLY A 137 -23.93 -11.24 25.79
N GLY A 138 -24.16 -12.20 24.91
CA GLY A 138 -23.80 -13.59 25.06
C GLY A 138 -22.93 -14.12 23.96
N THR A 139 -23.59 -14.59 22.91
CA THR A 139 -22.91 -15.28 21.84
C THR A 139 -21.84 -14.44 21.17
N GLY A 140 -22.15 -13.19 20.83
CA GLY A 140 -21.20 -12.37 20.08
C GLY A 140 -19.90 -12.14 20.83
N SER A 141 -19.97 -12.02 22.14
CA SER A 141 -18.76 -11.77 22.88
C SER A 141 -18.13 -13.05 23.37
N GLY A 142 -18.93 -13.97 23.82
CA GLY A 142 -18.40 -15.19 24.34
C GLY A 142 -17.89 -16.10 23.25
N PHE A 143 -18.79 -16.57 22.44
CA PHE A 143 -18.40 -17.54 21.46
C PHE A 143 -17.54 -16.87 20.45
N GLY A 144 -17.91 -15.65 20.10
CA GLY A 144 -17.10 -14.90 19.16
C GLY A 144 -15.65 -14.72 19.60
N SER A 145 -15.41 -14.49 20.92
CA SER A 145 -14.03 -14.35 21.36
C SER A 145 -13.29 -15.66 21.29
N LYS A 146 -13.95 -16.77 21.59
CA LYS A 146 -13.24 -18.04 21.44
C LYS A 146 -12.94 -18.33 19.98
N ILE A 147 -13.84 -17.93 19.08
CA ILE A 147 -13.60 -18.08 17.67
C ILE A 147 -12.40 -17.27 17.25
N LEU A 148 -12.30 -16.03 17.73
CA LEU A 148 -11.16 -15.17 17.39
C LEU A 148 -9.88 -15.81 17.83
N LYS A 149 -9.88 -16.33 19.03
CA LYS A 149 -8.70 -16.94 19.57
C LYS A 149 -8.29 -18.12 18.74
N THR A 150 -9.25 -18.95 18.44
CA THR A 150 -8.96 -20.18 17.73
C THR A 150 -8.41 -19.91 16.36
N ILE A 151 -8.97 -18.95 15.65
CA ILE A 151 -8.49 -18.68 14.32
C ILE A 151 -7.08 -18.24 14.36
N ARG A 152 -6.73 -17.33 15.25
CA ARG A 152 -5.33 -16.91 15.20
C ARG A 152 -4.41 -18.05 15.52
N GLU A 153 -4.79 -18.91 16.43
CA GLU A 153 -3.90 -20.02 16.71
C GLU A 153 -3.69 -20.89 15.48
N ARG A 154 -4.73 -21.12 14.70
CA ARG A 154 -4.56 -21.94 13.52
C ARG A 154 -3.86 -21.23 12.36
N TYR A 155 -4.01 -19.92 12.25
CA TYR A 155 -3.42 -19.15 11.16
C TYR A 155 -2.66 -17.96 11.73
N PRO A 156 -1.48 -18.18 12.32
CA PRO A 156 -0.73 -17.17 13.07
C PRO A 156 -0.33 -15.92 12.35
N LYS A 157 -0.20 -15.93 11.05
CA LYS A 157 0.25 -14.77 10.32
C LYS A 157 -0.86 -14.10 9.53
N VAL A 158 -2.09 -14.53 9.66
CA VAL A 158 -3.17 -13.98 8.85
C VAL A 158 -3.84 -12.87 9.65
N PRO A 159 -3.88 -11.67 9.15
CA PRO A 159 -4.41 -10.57 9.91
C PRO A 159 -5.89 -10.74 10.11
N ILE A 160 -6.37 -10.32 11.26
CA ILE A 160 -7.78 -10.39 11.59
C ILE A 160 -8.31 -9.02 11.95
N PHE A 161 -9.35 -8.61 11.25
CA PHE A 161 -9.99 -7.35 11.52
C PHE A 161 -11.35 -7.60 12.09
N THR A 162 -11.70 -6.87 13.11
CA THR A 162 -13.03 -7.08 13.63
C THR A 162 -13.77 -5.78 13.64
N PHE A 163 -15.05 -5.87 13.41
CA PHE A 163 -15.93 -4.75 13.57
C PHE A 163 -16.75 -5.10 14.77
N SER A 164 -16.62 -4.34 15.82
CA SER A 164 -17.30 -4.81 17.01
C SER A 164 -18.11 -3.71 17.65
N ILE A 165 -19.25 -4.10 18.20
CA ILE A 165 -20.19 -3.13 18.73
C ILE A 165 -20.21 -3.11 20.25
N PHE A 166 -19.84 -1.98 20.79
CA PHE A 166 -19.87 -1.86 22.24
C PHE A 166 -21.26 -1.39 22.69
N PRO A 167 -21.68 -1.93 23.81
CA PRO A 167 -23.01 -1.74 24.37
C PRO A 167 -23.21 -0.38 24.97
N SER A 168 -24.47 -0.07 25.22
CA SER A 168 -24.84 1.16 25.91
C SER A 168 -26.07 0.97 26.76
N PRO A 169 -26.07 1.53 27.97
CA PRO A 169 -27.20 1.46 28.91
C PRO A 169 -28.44 2.17 28.42
N LYS A 170 -28.31 2.98 27.37
CA LYS A 170 -29.48 3.64 26.79
C LYS A 170 -30.32 2.64 26.04
N ILE A 171 -29.73 1.50 25.70
CA ILE A 171 -30.37 0.48 24.90
C ILE A 171 -30.65 -0.79 25.70
N SER A 172 -29.68 -1.28 26.48
CA SER A 172 -29.86 -2.56 27.19
C SER A 172 -29.81 -2.47 28.72
N GLU A 173 -30.83 -3.06 29.34
CA GLU A 173 -31.00 -3.16 30.79
C GLU A 173 -30.23 -4.33 31.38
N THR A 174 -29.60 -5.15 30.53
CA THR A 174 -28.95 -6.37 30.98
C THR A 174 -27.61 -6.04 31.59
N VAL A 175 -27.64 -5.43 32.77
CA VAL A 175 -26.39 -4.93 33.33
C VAL A 175 -25.64 -6.03 34.05
N VAL A 176 -25.07 -6.88 33.24
CA VAL A 176 -24.09 -7.88 33.57
C VAL A 176 -23.02 -7.55 32.58
N GLU A 177 -23.42 -6.70 31.66
CA GLU A 177 -22.63 -6.28 30.53
C GLU A 177 -21.25 -5.76 30.83
N PRO A 178 -21.00 -4.98 31.86
CA PRO A 178 -19.63 -4.54 32.10
C PRO A 178 -18.67 -5.69 32.30
N TYR A 179 -19.16 -6.84 32.73
CA TYR A 179 -18.27 -7.97 32.81
C TYR A 179 -17.98 -8.47 31.41
N ASN A 180 -19.00 -8.63 30.58
CA ASN A 180 -18.84 -9.18 29.26
C ASN A 180 -17.98 -8.30 28.39
N ALA A 181 -18.12 -7.01 28.59
CA ALA A 181 -17.41 -6.02 27.81
C ALA A 181 -15.91 -6.10 27.98
N ILE A 182 -15.44 -6.44 29.17
CA ILE A 182 -14.01 -6.50 29.38
C ILE A 182 -13.48 -7.82 29.00
N MET A 183 -14.19 -8.88 29.27
CA MET A 183 -13.62 -10.13 28.86
C MET A 183 -13.40 -10.17 27.37
N THR A 184 -14.34 -9.63 26.60
CA THR A 184 -14.08 -9.67 25.18
C THR A 184 -13.09 -8.61 24.75
N LEU A 185 -13.07 -7.44 25.39
CA LEU A 185 -12.09 -6.46 24.99
C LEU A 185 -10.72 -7.01 25.18
N SER A 186 -10.53 -7.75 26.24
CA SER A 186 -9.24 -8.35 26.49
C SER A 186 -8.85 -9.27 25.38
N ASN A 187 -9.78 -10.08 24.93
CA ASN A 187 -9.38 -10.95 23.83
C ASN A 187 -9.16 -10.19 22.55
N LEU A 188 -9.85 -9.08 22.33
CA LEU A 188 -9.56 -8.33 21.14
C LEU A 188 -8.14 -7.78 21.20
N ILE A 189 -7.74 -7.31 22.38
CA ILE A 189 -6.39 -6.78 22.55
C ILE A 189 -5.37 -7.85 22.28
N LYS A 190 -5.61 -9.06 22.75
CA LYS A 190 -4.67 -10.17 22.60
C LYS A 190 -4.62 -10.77 21.19
N TYR A 191 -5.74 -10.87 20.48
CA TYR A 191 -5.71 -11.60 19.24
C TYR A 191 -6.03 -10.87 17.92
N ALA A 192 -6.72 -9.75 17.90
CA ALA A 192 -7.07 -9.15 16.62
C ALA A 192 -5.88 -8.36 16.09
N SER A 193 -5.78 -8.17 14.78
CA SER A 193 -4.73 -7.32 14.25
C SER A 193 -5.17 -5.90 14.27
N CYS A 194 -6.45 -5.71 14.04
CA CYS A 194 -7.08 -4.43 14.07
C CYS A 194 -8.51 -4.59 14.50
N SER A 195 -9.08 -3.51 14.98
CA SER A 195 -10.49 -3.58 15.28
C SER A 195 -11.09 -2.21 15.12
N ILE A 196 -12.32 -2.18 14.68
CA ILE A 196 -13.02 -0.94 14.56
C ILE A 196 -13.96 -0.83 15.71
N VAL A 197 -13.80 0.21 16.48
CA VAL A 197 -14.57 0.37 17.68
C VAL A 197 -15.76 1.19 17.32
N LEU A 198 -16.91 0.56 17.32
CA LEU A 198 -18.14 1.26 17.09
C LEU A 198 -18.93 1.09 18.35
N ASP A 199 -19.80 2.00 18.68
CA ASP A 199 -20.60 1.71 19.83
C ASP A 199 -21.94 2.32 19.65
N ASN A 200 -22.85 1.88 20.46
CA ASN A 200 -24.18 2.36 20.25
C ASN A 200 -24.48 3.65 20.94
N GLU A 201 -23.59 4.20 21.75
CA GLU A 201 -23.93 5.47 22.31
C GLU A 201 -23.77 6.51 21.27
N ALA A 202 -22.71 6.39 20.52
CA ALA A 202 -22.48 7.33 19.44
C ALA A 202 -23.43 7.12 18.30
N LEU A 203 -23.70 5.90 17.93
CA LEU A 203 -24.57 5.67 16.82
C LEU A 203 -25.96 6.16 17.14
N PHE A 204 -26.35 5.98 18.38
CA PHE A 204 -27.66 6.44 18.78
C PHE A 204 -27.77 7.93 18.67
N SER A 205 -26.79 8.66 19.17
CA SER A 205 -26.90 10.11 19.06
C SER A 205 -26.80 10.58 17.62
N ILE A 206 -26.07 9.87 16.77
CA ILE A 206 -26.04 10.23 15.36
C ILE A 206 -27.40 10.05 14.78
N ALA A 207 -28.05 8.95 15.08
CA ALA A 207 -29.36 8.76 14.52
C ALA A 207 -30.29 9.87 14.95
N GLU A 208 -30.21 10.28 16.21
CA GLU A 208 -31.08 11.36 16.66
C GLU A 208 -30.79 12.69 15.99
N LYS A 209 -29.52 13.05 15.80
CA LYS A 209 -29.19 14.38 15.32
C LYS A 209 -28.90 14.51 13.82
N LYS A 210 -28.43 13.48 13.17
CA LYS A 210 -28.11 13.61 11.76
C LYS A 210 -29.09 12.89 10.87
N LEU A 211 -29.67 11.79 11.30
CA LEU A 211 -30.68 11.14 10.52
C LEU A 211 -32.05 11.59 10.91
N GLU A 212 -32.13 12.47 11.88
CA GLU A 212 -33.37 13.05 12.38
C GLU A 212 -34.39 12.02 12.79
N VAL A 213 -33.98 11.04 13.55
CA VAL A 213 -34.88 10.01 14.01
C VAL A 213 -35.23 10.31 15.46
N GLU A 214 -36.52 10.44 15.76
CA GLU A 214 -36.92 10.86 17.10
C GLU A 214 -36.52 9.87 18.17
N ASN A 215 -36.62 8.59 17.86
CA ASN A 215 -36.31 7.55 18.84
C ASN A 215 -35.73 6.39 18.10
N PRO A 216 -34.44 6.39 17.88
CA PRO A 216 -33.78 5.42 17.03
C PRO A 216 -34.06 4.01 17.45
N SER A 217 -34.33 3.20 16.46
CA SER A 217 -34.61 1.80 16.61
C SER A 217 -33.32 1.04 16.42
N LEU A 218 -33.33 -0.22 16.80
CA LEU A 218 -32.13 -1.02 16.63
C LEU A 218 -31.75 -1.08 15.16
N GLU A 219 -32.75 -1.03 14.29
CA GLU A 219 -32.53 -1.05 12.86
C GLU A 219 -31.90 0.22 12.32
N ASP A 220 -32.04 1.34 13.00
CA ASP A 220 -31.39 2.55 12.51
C ASP A 220 -29.93 2.53 12.88
N LEU A 221 -29.65 1.93 14.01
CA LEU A 221 -28.29 1.80 14.39
C LEU A 221 -27.62 0.90 13.38
N ASN A 222 -28.29 -0.16 12.97
CA ASN A 222 -27.70 -1.06 12.00
C ASN A 222 -27.54 -0.41 10.66
N LEU A 223 -28.43 0.50 10.30
CA LEU A 223 -28.29 1.20 9.04
C LEU A 223 -27.00 1.98 8.99
N ILE A 224 -26.72 2.75 10.06
CA ILE A 224 -25.48 3.51 10.07
C ILE A 224 -24.29 2.58 10.04
N ILE A 225 -24.35 1.51 10.81
CA ILE A 225 -23.24 0.60 10.86
C ILE A 225 -22.99 0.01 9.52
N ALA A 226 -24.03 -0.39 8.83
CA ALA A 226 -23.86 -0.99 7.54
C ALA A 226 -23.18 -0.05 6.60
N GLN A 227 -23.55 1.22 6.66
CA GLN A 227 -22.87 2.18 5.80
C GLN A 227 -21.40 2.28 6.12
N VAL A 228 -21.04 2.26 7.40
CA VAL A 228 -19.62 2.32 7.75
C VAL A 228 -18.88 1.11 7.24
N LEU A 229 -19.42 -0.06 7.47
CA LEU A 229 -18.70 -1.24 7.03
C LEU A 229 -18.55 -1.26 5.53
N THR A 230 -19.58 -0.88 4.81
CA THR A 230 -19.53 -0.93 3.38
C THR A 230 -18.49 0.00 2.83
N ASN A 231 -18.49 1.23 3.31
CA ASN A 231 -17.58 2.21 2.76
C ASN A 231 -16.14 2.04 3.26
N VAL A 232 -15.96 1.48 4.44
CA VAL A 232 -14.62 1.18 4.95
C VAL A 232 -14.03 0.05 4.19
N THR A 233 -14.81 -0.99 3.99
CA THR A 233 -14.35 -2.17 3.30
C THR A 233 -14.03 -1.83 1.88
N ALA A 234 -14.72 -0.85 1.31
CA ALA A 234 -14.57 -0.49 -0.09
C ALA A 234 -13.14 -0.17 -0.49
N SER A 235 -12.31 0.36 0.41
CA SER A 235 -10.96 0.70 0.01
C SER A 235 -10.17 -0.51 -0.42
N LEU A 236 -10.63 -1.68 -0.05
CA LEU A 236 -9.98 -2.94 -0.33
C LEU A 236 -10.44 -3.56 -1.60
N ARG A 237 -11.59 -3.18 -2.11
CA ARG A 237 -12.23 -3.90 -3.17
C ARG A 237 -12.60 -3.20 -4.47
N PHE A 238 -12.51 -1.91 -4.57
CA PHE A 238 -12.94 -1.19 -5.75
C PHE A 238 -11.82 -0.28 -6.17
N SER A 239 -10.80 -0.81 -6.82
CA SER A 239 -9.77 0.04 -7.42
C SER A 239 -9.07 0.92 -6.42
N GLY A 240 -8.99 2.18 -6.71
CA GLY A 240 -8.39 3.14 -5.85
C GLY A 240 -6.94 3.43 -6.17
N THR A 241 -6.50 4.58 -5.71
CA THR A 241 -5.16 5.09 -5.92
C THR A 241 -4.15 4.66 -4.88
N LEU A 242 -4.55 3.99 -3.81
CA LEU A 242 -3.58 3.60 -2.81
C LEU A 242 -3.28 2.09 -2.75
N ASN A 243 -3.96 1.25 -3.52
CA ASN A 243 -3.64 -0.19 -3.63
C ASN A 243 -3.58 -0.95 -2.31
N LEU A 244 -4.61 -0.79 -1.48
CA LEU A 244 -4.70 -1.42 -0.17
C LEU A 244 -5.21 -2.85 -0.16
N ASP A 245 -4.87 -3.54 0.92
CA ASP A 245 -5.25 -4.91 1.28
C ASP A 245 -5.38 -4.91 2.79
N LEU A 246 -5.77 -6.03 3.39
CA LEU A 246 -5.89 -6.01 4.85
C LEU A 246 -4.53 -5.97 5.51
N GLY A 247 -3.56 -6.69 4.96
CA GLY A 247 -2.24 -6.68 5.55
C GLY A 247 -1.63 -5.30 5.49
N LYS A 248 -1.92 -4.61 4.41
CA LYS A 248 -1.41 -3.26 4.22
C LYS A 248 -2.09 -2.30 5.18
N LEU A 249 -3.37 -2.46 5.45
CA LEU A 249 -4.01 -1.59 6.42
C LEU A 249 -3.39 -1.76 7.77
N VAL A 250 -3.06 -2.99 8.15
CA VAL A 250 -2.45 -3.15 9.46
C VAL A 250 -1.16 -2.39 9.46
N THR A 251 -0.35 -2.57 8.42
CA THR A 251 0.92 -1.87 8.38
C THR A 251 0.75 -0.37 8.46
N ASN A 252 -0.21 0.17 7.75
CA ASN A 252 -0.32 1.63 7.72
C ASN A 252 -0.94 2.21 8.98
N LEU A 253 -1.94 1.56 9.57
CA LEU A 253 -2.61 2.15 10.70
C LEU A 253 -2.17 1.64 12.06
N VAL A 254 -1.40 0.58 12.17
CA VAL A 254 -1.06 0.12 13.52
C VAL A 254 0.42 0.24 13.83
N PRO A 255 0.85 1.34 14.44
CA PRO A 255 2.24 1.53 14.75
C PRO A 255 2.73 0.66 15.86
N PHE A 256 1.88 0.19 16.71
CA PHE A 256 2.32 -0.66 17.77
C PHE A 256 1.35 -1.80 17.90
N SER A 257 1.85 -2.96 18.23
CA SER A 257 0.88 -3.96 18.49
C SER A 257 0.26 -3.55 19.79
N ASN A 258 -0.91 -4.06 20.08
CA ASN A 258 -1.60 -3.75 21.31
C ASN A 258 -2.20 -2.35 21.33
N LEU A 259 -2.10 -1.57 20.26
CA LEU A 259 -2.75 -0.27 20.18
C LEU A 259 -3.50 -0.13 18.86
N HIS A 260 -4.15 -1.20 18.45
CA HIS A 260 -4.75 -1.34 17.16
C HIS A 260 -6.21 -1.02 17.09
N PHE A 261 -6.75 -0.36 18.08
CA PHE A 261 -8.14 0.00 18.08
C PHE A 261 -8.35 1.26 17.28
N LEU A 262 -9.20 1.21 16.28
CA LEU A 262 -9.43 2.30 15.37
C LEU A 262 -10.82 2.88 15.44
N MET A 263 -10.91 4.18 15.24
CA MET A 263 -12.15 4.89 15.10
C MET A 263 -12.57 4.88 13.65
N ALA A 264 -13.85 5.00 13.41
CA ALA A 264 -14.31 5.15 12.04
C ALA A 264 -15.39 6.20 11.97
N SER A 265 -15.40 6.92 10.87
CA SER A 265 -16.33 7.98 10.60
C SER A 265 -16.67 8.08 9.14
N THR A 266 -17.93 8.21 8.81
CA THR A 266 -18.31 8.35 7.42
C THR A 266 -19.36 9.41 7.24
N ALA A 267 -19.39 9.96 6.05
CA ALA A 267 -20.44 10.88 5.70
C ALA A 267 -20.53 10.94 4.18
N PRO A 268 -21.65 11.32 3.63
CA PRO A 268 -22.93 11.69 4.18
C PRO A 268 -23.65 10.48 4.62
N LEU A 269 -24.58 10.63 5.55
CA LEU A 269 -25.43 9.54 5.94
C LEU A 269 -26.81 9.79 5.37
N VAL A 270 -27.52 8.73 5.05
CA VAL A 270 -28.83 8.80 4.45
C VAL A 270 -29.81 7.91 5.19
N LEU A 271 -31.02 8.40 5.53
CA LEU A 271 -31.94 7.53 6.31
C LEU A 271 -32.77 6.59 5.42
N ALA A 272 -32.08 5.60 4.85
CA ALA A 272 -32.71 4.51 4.12
C ALA A 272 -33.69 4.97 3.04
N GLY A 273 -33.29 5.94 2.22
CA GLY A 273 -34.15 6.41 1.16
C GLY A 273 -33.42 7.47 0.37
N LYS A 274 -34.04 7.98 -0.68
CA LYS A 274 -33.30 8.94 -1.51
C LYS A 274 -33.42 10.36 -0.97
N GLU A 275 -32.74 10.58 0.15
CA GLU A 275 -32.70 11.87 0.83
C GLU A 275 -31.54 12.72 0.36
N SER A 276 -30.63 12.08 -0.36
CA SER A 276 -29.42 12.69 -0.83
C SER A 276 -29.75 13.81 -1.79
N TYR A 277 -28.92 14.86 -1.77
CA TYR A 277 -29.16 15.98 -2.66
C TYR A 277 -27.87 16.64 -3.11
N GLU A 278 -27.96 17.28 -4.27
CA GLU A 278 -26.91 18.09 -4.88
C GLU A 278 -25.58 17.37 -4.79
N LYS A 279 -24.55 18.02 -4.31
CA LYS A 279 -23.24 17.43 -4.15
C LYS A 279 -22.54 18.19 -3.03
N MET A 280 -21.88 17.45 -2.16
CA MET A 280 -21.09 18.07 -1.13
C MET A 280 -19.71 18.39 -1.67
N THR A 281 -19.13 19.48 -1.20
CA THR A 281 -17.78 19.79 -1.61
C THR A 281 -16.80 19.00 -0.77
N ALA A 282 -15.56 18.92 -1.21
CA ALA A 282 -14.58 18.22 -0.42
C ALA A 282 -14.42 18.87 0.93
N LYS A 283 -14.54 20.19 0.98
CA LYS A 283 -14.31 20.86 2.25
C LYS A 283 -15.40 20.56 3.28
N GLU A 284 -16.67 20.63 2.90
CA GLU A 284 -17.70 20.42 3.91
C GLU A 284 -17.76 18.97 4.28
N LEU A 285 -17.42 18.10 3.35
CA LEU A 285 -17.48 16.69 3.62
C LEU A 285 -16.32 16.25 4.47
N SER A 286 -15.12 16.78 4.22
CA SER A 286 -14.02 16.43 5.08
C SER A 286 -14.26 16.97 6.46
N ALA A 287 -14.81 18.16 6.55
CA ALA A 287 -15.09 18.71 7.86
C ALA A 287 -16.06 17.86 8.64
N GLN A 288 -17.10 17.34 8.00
CA GLN A 288 -17.98 16.47 8.75
C GLN A 288 -17.27 15.24 9.20
N VAL A 289 -16.48 14.63 8.34
CA VAL A 289 -15.90 13.36 8.70
C VAL A 289 -14.99 13.49 9.89
N PHE A 290 -14.22 14.56 9.95
CA PHE A 290 -13.29 14.79 11.04
C PHE A 290 -13.88 15.58 12.16
N GLY A 291 -15.16 15.84 12.14
CA GLY A 291 -15.76 16.54 13.24
C GLY A 291 -16.09 15.53 14.29
N ASP A 292 -16.52 15.97 15.45
CA ASP A 292 -16.84 15.00 16.46
C ASP A 292 -18.21 14.39 16.22
N GLU A 293 -19.07 15.11 15.54
CA GLU A 293 -20.47 14.74 15.37
C GLU A 293 -20.71 13.50 14.52
N TYR A 294 -19.81 13.08 13.65
CA TYR A 294 -20.04 11.86 12.90
C TYR A 294 -19.19 10.70 13.34
N ILE A 295 -18.51 10.81 14.47
CA ILE A 295 -17.68 9.70 14.89
C ILE A 295 -18.58 8.63 15.40
N CYS A 296 -18.38 7.40 14.97
CA CYS A 296 -19.27 6.31 15.34
C CYS A 296 -18.83 5.60 16.59
N ALA A 297 -18.09 6.27 17.42
CA ALA A 297 -17.63 5.84 18.72
C ALA A 297 -17.77 7.02 19.65
N ALA A 298 -18.11 6.75 20.90
CA ALA A 298 -18.39 7.83 21.84
C ALA A 298 -17.10 8.46 22.35
N CYS A 299 -16.52 9.22 21.47
CA CYS A 299 -15.23 9.83 21.67
C CYS A 299 -15.36 11.27 21.25
N LYS A 300 -14.35 12.05 21.50
CA LYS A 300 -14.34 13.42 21.05
C LYS A 300 -12.98 13.71 20.43
N PRO A 301 -12.71 13.13 19.25
CA PRO A 301 -11.36 13.04 18.67
C PRO A 301 -10.68 14.34 18.39
N THR A 302 -11.40 15.43 18.23
CA THR A 302 -10.69 16.65 17.98
C THR A 302 -9.81 17.07 19.12
N THR A 303 -10.05 16.58 20.32
CA THR A 303 -9.26 16.97 21.47
C THR A 303 -8.06 16.09 21.68
N GLY A 304 -7.86 15.09 20.87
CA GLY A 304 -6.77 14.19 21.10
C GLY A 304 -5.68 14.38 20.09
N ARG A 305 -4.95 13.31 19.84
CA ARG A 305 -3.87 13.31 18.90
C ARG A 305 -3.91 12.04 18.08
N TYR A 306 -3.63 12.13 16.80
CA TYR A 306 -3.68 10.97 15.93
C TYR A 306 -2.33 10.33 15.71
N LEU A 307 -2.29 9.02 15.78
CA LEU A 307 -1.07 8.32 15.43
C LEU A 307 -1.08 8.08 13.95
N ALA A 308 -2.23 7.81 13.41
CA ALA A 308 -2.33 7.57 11.99
C ALA A 308 -3.75 7.76 11.56
N ALA A 309 -3.93 8.03 10.28
CA ALA A 309 -5.26 8.16 9.73
C ALA A 309 -5.26 7.81 8.26
N SER A 310 -6.41 7.40 7.78
CA SER A 310 -6.57 7.06 6.38
C SER A 310 -7.91 7.57 5.87
N VAL A 311 -7.89 8.37 4.82
CA VAL A 311 -9.10 8.99 4.33
C VAL A 311 -9.35 8.63 2.89
N LEU A 312 -10.48 8.02 2.62
CA LEU A 312 -10.86 7.63 1.29
C LEU A 312 -11.99 8.49 0.74
N PHE A 313 -11.78 9.00 -0.45
CA PHE A 313 -12.81 9.74 -1.15
C PHE A 313 -13.38 8.87 -2.26
N ARG A 314 -14.65 8.56 -2.17
CA ARG A 314 -15.27 7.71 -3.16
C ARG A 314 -16.14 8.57 -4.05
N GLY A 315 -15.73 8.78 -5.27
CA GLY A 315 -16.50 9.62 -6.15
C GLY A 315 -15.65 10.59 -6.94
N ALA A 316 -16.32 11.40 -7.72
CA ALA A 316 -15.66 12.33 -8.62
C ALA A 316 -15.25 13.61 -7.91
N VAL A 317 -14.08 13.58 -7.30
CA VAL A 317 -13.56 14.76 -6.63
C VAL A 317 -12.22 15.10 -7.25
N LYS A 318 -11.98 16.39 -7.46
CA LYS A 318 -10.73 16.85 -8.04
C LYS A 318 -9.57 16.77 -7.05
N THR A 319 -8.38 16.45 -7.56
CA THR A 319 -7.17 16.35 -6.74
C THR A 319 -6.90 17.63 -6.01
N SER A 320 -7.05 18.77 -6.65
CA SER A 320 -6.75 20.00 -5.98
C SER A 320 -7.73 20.32 -4.86
N ASP A 321 -8.98 19.84 -4.92
CA ASP A 321 -9.91 20.12 -3.83
C ASP A 321 -9.66 19.18 -2.68
N VAL A 322 -9.26 17.96 -2.99
CA VAL A 322 -8.93 17.04 -1.95
C VAL A 322 -7.77 17.59 -1.17
N ASN A 323 -6.76 18.07 -1.86
CA ASN A 323 -5.59 18.52 -1.14
C ASN A 323 -5.85 19.79 -0.35
N GLU A 324 -6.67 20.70 -0.85
CA GLU A 324 -6.92 21.85 -0.01
C GLU A 324 -7.72 21.46 1.22
N ALA A 325 -8.72 20.61 1.04
CA ALA A 325 -9.53 20.20 2.18
C ALA A 325 -8.70 19.46 3.21
N MET A 326 -7.80 18.59 2.77
CA MET A 326 -7.04 17.85 3.74
C MET A 326 -6.00 18.70 4.41
N ALA A 327 -5.49 19.73 3.73
CA ALA A 327 -4.56 20.63 4.40
C ALA A 327 -5.25 21.31 5.56
N THR A 328 -6.52 21.65 5.39
CA THR A 328 -7.27 22.26 6.48
C THR A 328 -7.38 21.30 7.66
N VAL A 329 -7.64 20.03 7.37
CA VAL A 329 -7.72 19.06 8.45
C VAL A 329 -6.40 18.95 9.21
N LYS A 330 -5.28 18.90 8.50
CA LYS A 330 -4.00 18.82 9.19
C LYS A 330 -3.78 20.00 10.09
N GLU A 331 -4.19 21.18 9.67
CA GLU A 331 -4.02 22.32 10.54
C GLU A 331 -4.86 22.25 11.79
N GLN A 332 -6.09 21.75 11.65
CA GLN A 332 -7.03 21.76 12.78
C GLN A 332 -6.90 20.60 13.76
N ASN A 333 -6.52 19.41 13.31
CA ASN A 333 -6.48 18.26 14.19
C ASN A 333 -5.07 17.72 14.35
N SER A 334 -4.58 17.76 15.58
CA SER A 334 -3.20 17.39 15.87
C SER A 334 -2.85 15.95 15.61
N PHE A 335 -1.62 15.77 15.11
CA PHE A 335 -1.00 14.48 14.84
C PHE A 335 0.31 14.37 15.61
N VAL A 336 0.67 13.16 15.90
CA VAL A 336 1.89 12.83 16.60
C VAL A 336 3.03 12.94 15.60
N ASN A 337 4.04 13.77 15.89
CA ASN A 337 5.06 13.99 14.86
C ASN A 337 6.07 12.89 14.74
N TRP A 338 5.97 11.86 15.53
CA TRP A 338 6.91 10.77 15.40
C TRP A 338 6.75 10.15 14.10
N ILE A 339 5.56 10.26 13.57
CA ILE A 339 5.29 9.63 12.30
C ILE A 339 5.16 10.78 11.32
N PRO A 340 6.17 11.02 10.48
CA PRO A 340 6.25 12.16 9.58
C PRO A 340 5.32 12.00 8.43
N THR A 341 4.74 10.86 8.38
CA THR A 341 3.83 10.34 7.41
C THR A 341 2.69 9.79 8.23
N GLY A 342 1.94 8.86 7.73
CA GLY A 342 0.91 8.32 8.56
C GLY A 342 -0.46 8.88 8.29
N PHE A 343 -0.57 9.87 7.46
CA PHE A 343 -1.86 10.41 7.08
C PHE A 343 -2.00 10.17 5.60
N LYS A 344 -2.71 9.13 5.24
CA LYS A 344 -2.77 8.75 3.85
C LYS A 344 -4.12 9.07 3.25
N ILE A 345 -4.09 9.74 2.12
CA ILE A 345 -5.28 10.18 1.44
C ILE A 345 -5.37 9.41 0.17
N SER A 346 -6.54 8.88 -0.12
CA SER A 346 -6.70 8.13 -1.34
C SER A 346 -8.08 8.36 -1.92
N LYS A 347 -8.22 8.10 -3.21
CA LYS A 347 -9.52 8.20 -3.81
C LYS A 347 -9.79 7.01 -4.71
N SER A 348 -11.06 6.80 -4.96
CA SER A 348 -11.51 5.79 -5.87
C SER A 348 -12.65 6.35 -6.67
N GLU A 349 -12.65 6.02 -7.95
CA GLU A 349 -13.60 6.56 -8.91
C GLU A 349 -15.00 6.04 -8.72
N THR A 350 -15.21 5.01 -7.94
CA THR A 350 -16.56 4.51 -7.82
C THR A 350 -17.23 5.01 -6.57
N SER A 351 -18.30 5.73 -6.79
CA SER A 351 -19.11 6.36 -5.78
C SER A 351 -19.99 5.33 -5.11
N PRO A 352 -20.46 5.61 -3.90
CA PRO A 352 -21.43 4.77 -3.22
C PRO A 352 -22.77 4.95 -3.91
N LYS A 353 -23.68 3.98 -3.75
CA LYS A 353 -24.93 4.04 -4.49
C LYS A 353 -25.81 5.22 -4.14
N ASP A 354 -25.73 5.76 -2.96
CA ASP A 354 -26.62 6.85 -2.62
C ASP A 354 -26.02 8.25 -2.76
N SER A 355 -24.83 8.42 -3.33
CA SER A 355 -24.39 9.81 -3.42
C SER A 355 -23.35 10.05 -4.50
N ALA A 356 -23.14 11.33 -4.79
CA ALA A 356 -22.14 11.73 -5.75
C ALA A 356 -20.74 11.54 -5.22
N LEU A 357 -20.56 11.77 -3.93
CA LEU A 357 -19.25 11.68 -3.30
C LEU A 357 -19.42 11.29 -1.85
N GLY A 358 -18.67 10.31 -1.38
CA GLY A 358 -18.66 9.98 0.03
C GLY A 358 -17.27 9.91 0.61
N VAL A 359 -17.14 10.17 1.90
CA VAL A 359 -15.82 10.15 2.51
C VAL A 359 -15.76 9.30 3.74
N ILE A 360 -14.73 8.49 3.81
CA ILE A 360 -14.51 7.55 4.89
C ILE A 360 -13.21 7.78 5.59
N MET A 361 -13.24 7.87 6.88
CA MET A 361 -12.00 8.00 7.60
C MET A 361 -11.83 6.98 8.70
N LEU A 362 -10.64 6.44 8.77
CA LEU A 362 -10.22 5.54 9.82
C LEU A 362 -9.07 6.15 10.54
N GLY A 363 -8.93 5.85 11.82
CA GLY A 363 -7.71 6.28 12.45
C GLY A 363 -7.51 5.93 13.90
N ASN A 364 -6.30 6.17 14.33
CA ASN A 364 -5.87 5.91 15.67
C ASN A 364 -5.79 7.23 16.36
N ASN A 365 -6.69 7.45 17.26
CA ASN A 365 -6.75 8.69 18.00
C ASN A 365 -6.74 8.35 19.45
N SER A 366 -5.97 9.07 20.20
CA SER A 366 -5.80 8.76 21.60
C SER A 366 -7.07 8.84 22.41
N GLU A 367 -8.09 9.52 21.93
CA GLU A 367 -9.33 9.61 22.69
C GLU A 367 -10.17 8.37 22.51
N ILE A 368 -9.72 7.40 21.75
CA ILE A 368 -10.51 6.20 21.57
C ILE A 368 -10.70 5.53 22.87
N VAL A 369 -9.80 5.77 23.81
CA VAL A 369 -9.90 5.13 25.11
C VAL A 369 -11.09 5.58 25.90
N SER A 370 -11.79 6.63 25.51
CA SER A 370 -12.97 7.00 26.28
C SER A 370 -13.95 5.86 26.34
N VAL A 371 -14.01 5.04 25.33
CA VAL A 371 -14.92 3.92 25.36
C VAL A 371 -14.48 2.95 26.43
N PHE A 372 -13.19 2.64 26.42
CA PHE A 372 -12.64 1.68 27.33
C PHE A 372 -12.70 2.17 28.75
N GLU A 373 -12.48 3.46 28.95
CA GLU A 373 -12.54 4.02 30.28
C GLU A 373 -13.95 3.94 30.86
N ARG A 374 -14.98 4.19 30.07
CA ARG A 374 -16.33 4.06 30.60
C ARG A 374 -16.63 2.63 30.96
N ILE A 375 -16.18 1.71 30.13
CA ILE A 375 -16.41 0.31 30.43
C ILE A 375 -15.75 -0.07 31.73
N GLY A 376 -14.51 0.37 31.90
CA GLY A 376 -13.81 0.10 33.13
C GLY A 376 -14.58 0.61 34.32
N ALA A 377 -15.05 1.84 34.25
CA ALA A 377 -15.77 2.39 35.39
C ALA A 377 -17.01 1.57 35.72
N ASN A 378 -17.77 1.16 34.71
CA ASN A 378 -18.96 0.40 35.02
C ASN A 378 -18.56 -0.92 35.68
N PHE A 379 -17.49 -1.49 35.18
CA PHE A 379 -17.00 -2.72 35.70
C PHE A 379 -16.57 -2.58 37.11
N ASP A 380 -15.83 -1.54 37.43
CA ASP A 380 -15.33 -1.39 38.79
C ASP A 380 -16.46 -1.32 39.78
N ARG A 381 -17.52 -0.58 39.46
CA ARG A 381 -18.59 -0.47 40.45
C ARG A 381 -19.19 -1.81 40.76
N LEU A 382 -19.34 -2.65 39.74
CA LEU A 382 -19.90 -3.97 39.99
C LEU A 382 -18.86 -4.97 40.52
N TRP A 383 -17.63 -4.87 40.05
CA TRP A 383 -16.61 -5.85 40.36
C TRP A 383 -16.10 -5.74 41.76
N SER A 384 -15.90 -4.54 42.28
CA SER A 384 -15.34 -4.45 43.61
C SER A 384 -16.25 -5.07 44.66
N ARG A 385 -17.51 -5.22 44.32
CA ARG A 385 -18.52 -5.78 45.17
C ARG A 385 -18.80 -7.24 44.83
N LYS A 386 -17.96 -7.84 44.01
CA LYS A 386 -18.18 -9.19 43.62
C LYS A 386 -19.63 -9.27 43.23
N ALA A 387 -20.00 -8.45 42.26
CA ALA A 387 -21.38 -8.35 41.86
C ALA A 387 -21.87 -9.70 41.43
N PHE A 388 -21.10 -10.39 40.64
CA PHE A 388 -21.54 -11.62 40.13
C PHE A 388 -20.41 -12.60 40.06
N ALA A 389 -19.80 -12.90 41.19
CA ALA A 389 -18.72 -13.86 41.26
C ALA A 389 -19.13 -15.28 40.84
N HIS A 390 -20.03 -15.92 41.58
CA HIS A 390 -20.32 -17.35 41.36
C HIS A 390 -20.97 -17.67 40.04
N TRP A 391 -21.62 -16.69 39.44
CA TRP A 391 -22.23 -16.97 38.18
C TRP A 391 -21.12 -17.36 37.33
N PHE A 392 -20.19 -16.44 37.23
CA PHE A 392 -19.01 -16.69 36.46
C PHE A 392 -18.18 -17.79 37.10
N THR A 393 -18.24 -17.97 38.42
CA THR A 393 -17.41 -19.05 38.95
C THR A 393 -17.82 -20.43 38.40
N ASP A 394 -19.11 -20.70 38.19
CA ASP A 394 -19.49 -22.04 37.74
C ASP A 394 -19.49 -22.21 36.24
N SER A 395 -19.21 -21.18 35.51
CA SER A 395 -19.15 -21.29 34.08
C SER A 395 -17.73 -21.44 33.62
N GLY A 396 -16.81 -21.60 34.57
CA GLY A 396 -15.42 -21.86 34.25
C GLY A 396 -14.44 -20.71 34.30
N PHE A 397 -14.81 -19.52 34.75
CA PHE A 397 -13.81 -18.47 34.84
C PHE A 397 -13.48 -18.17 36.29
N GLU A 398 -12.22 -17.89 36.57
CA GLU A 398 -11.88 -17.55 37.94
C GLU A 398 -11.68 -16.05 38.06
N GLU A 399 -11.68 -15.58 39.29
CA GLU A 399 -11.48 -14.16 39.50
C GLU A 399 -10.15 -13.71 38.91
N LYS A 400 -9.14 -14.57 38.96
CA LYS A 400 -7.85 -14.19 38.40
C LYS A 400 -7.91 -13.94 36.91
N ASP A 401 -8.87 -14.53 36.22
CA ASP A 401 -8.92 -14.41 34.79
C ASP A 401 -9.60 -13.14 34.42
N LEU A 402 -10.58 -12.75 35.18
CA LEU A 402 -11.18 -11.51 34.83
C LEU A 402 -10.27 -10.38 35.27
N ASP A 403 -9.47 -10.62 36.29
CA ASP A 403 -8.51 -9.61 36.70
C ASP A 403 -7.44 -9.47 35.65
N ASP A 404 -7.03 -10.57 35.05
CA ASP A 404 -6.09 -10.48 33.95
C ASP A 404 -6.69 -9.68 32.83
N ALA A 405 -7.96 -9.90 32.55
CA ALA A 405 -8.59 -9.17 31.48
C ALA A 405 -8.56 -7.68 31.78
N ARG A 406 -8.83 -7.30 33.02
CA ARG A 406 -8.78 -5.89 33.30
C ARG A 406 -7.39 -5.35 33.25
N ALA A 407 -6.43 -6.08 33.75
CA ALA A 407 -5.09 -5.56 33.72
C ALA A 407 -4.67 -5.26 32.29
N LEU A 408 -5.01 -6.12 31.37
CA LEU A 408 -4.63 -5.87 30.00
C LEU A 408 -5.34 -4.66 29.45
N VAL A 409 -6.63 -4.53 29.76
CA VAL A 409 -7.35 -3.40 29.23
C VAL A 409 -6.78 -2.13 29.76
N GLN A 410 -6.46 -2.11 31.03
CA GLN A 410 -5.90 -0.91 31.61
C GLN A 410 -4.58 -0.61 30.99
N LYS A 411 -3.77 -1.62 30.70
CA LYS A 411 -2.49 -1.34 30.07
C LYS A 411 -2.69 -0.65 28.76
N VAL A 412 -3.66 -1.07 27.96
CA VAL A 412 -3.89 -0.40 26.69
C VAL A 412 -4.32 1.04 26.91
N ILE A 413 -5.20 1.29 27.87
CA ILE A 413 -5.63 2.65 28.09
C ILE A 413 -4.46 3.48 28.48
N ASP A 414 -3.67 2.99 29.40
CA ASP A 414 -2.57 3.77 29.91
C ASP A 414 -1.57 4.04 28.81
N ASP A 415 -1.32 3.05 27.94
CA ASP A 415 -0.39 3.28 26.88
C ASP A 415 -0.92 4.31 25.91
N TYR A 416 -2.19 4.29 25.57
CA TYR A 416 -2.62 5.36 24.68
C TYR A 416 -2.44 6.73 25.32
N ARG A 417 -2.77 6.88 26.59
CA ARG A 417 -2.65 8.21 27.18
C ARG A 417 -1.22 8.65 27.26
N LYS A 418 -0.30 7.76 27.62
CA LYS A 418 1.10 8.13 27.76
C LYS A 418 1.80 8.26 26.43
N LEU A 419 1.52 7.36 25.53
CA LEU A 419 2.20 7.33 24.25
C LEU A 419 2.03 8.64 23.50
N THR A 420 0.84 9.18 23.51
CA THR A 420 0.59 10.38 22.75
C THR A 420 0.59 11.63 23.62
N GLU A 421 1.15 11.58 24.82
CA GLU A 421 1.13 12.77 25.70
C GLU A 421 1.85 13.95 25.08
N ASP A 422 2.94 13.69 24.35
CA ASP A 422 3.74 14.72 23.70
C ASP A 422 4.09 14.22 22.30
N ALA A 423 4.81 15.04 21.50
CA ALA A 423 5.32 14.83 20.11
C ALA A 423 4.93 16.02 19.20
N ALA B 2 27.38 -8.11 -30.37
CA ALA B 2 26.44 -7.37 -29.53
C ALA B 2 26.68 -7.67 -28.06
N ARG B 3 26.83 -6.63 -27.24
CA ARG B 3 27.01 -6.73 -25.80
C ARG B 3 25.66 -6.51 -25.16
N GLU B 4 25.11 -7.55 -24.58
CA GLU B 4 23.70 -7.61 -24.22
C GLU B 4 23.34 -7.36 -22.76
N VAL B 5 22.13 -6.90 -22.53
CA VAL B 5 21.66 -6.60 -21.19
C VAL B 5 20.36 -7.32 -20.84
N ILE B 6 20.32 -7.94 -19.66
CA ILE B 6 19.12 -8.60 -19.15
C ILE B 6 18.41 -7.64 -18.25
N THR B 7 17.12 -7.46 -18.43
CA THR B 7 16.34 -6.53 -17.62
C THR B 7 15.38 -7.26 -16.70
N ILE B 8 15.44 -6.96 -15.42
CA ILE B 8 14.58 -7.59 -14.43
C ILE B 8 13.66 -6.55 -13.82
N HIS B 9 12.38 -6.81 -13.83
CA HIS B 9 11.40 -5.88 -13.30
C HIS B 9 10.89 -6.41 -11.98
N VAL B 10 11.09 -5.69 -10.88
CA VAL B 10 10.74 -6.23 -9.58
C VAL B 10 9.76 -5.36 -8.83
N GLY B 11 8.67 -5.93 -8.43
CA GLY B 11 7.71 -5.25 -7.60
C GLY B 11 6.76 -4.39 -8.41
N GLU B 12 6.00 -3.54 -7.71
CA GLU B 12 4.94 -2.81 -8.40
C GLU B 12 5.44 -1.83 -9.44
N LEU B 13 6.44 -1.01 -9.14
CA LEU B 13 6.76 -0.06 -10.18
C LEU B 13 7.56 -0.72 -11.27
N GLY B 14 8.41 -1.67 -10.93
CA GLY B 14 9.18 -2.29 -12.00
C GLY B 14 8.24 -2.89 -13.02
N ILE B 15 7.14 -3.47 -12.54
CA ILE B 15 6.26 -4.15 -13.44
C ILE B 15 5.24 -3.21 -14.05
N GLN B 16 4.75 -2.21 -13.31
CA GLN B 16 3.81 -1.30 -13.95
C GLN B 16 4.51 -0.46 -15.02
N ILE B 17 5.80 -0.20 -14.86
CA ILE B 17 6.57 0.51 -15.88
C ILE B 17 6.77 -0.35 -17.09
N ALA B 18 7.09 -1.64 -16.90
CA ALA B 18 7.44 -2.52 -18.01
C ALA B 18 6.68 -2.29 -19.30
N PRO B 19 5.35 -2.26 -19.35
CA PRO B 19 4.67 -2.03 -20.61
C PRO B 19 4.98 -0.73 -21.28
N ASN B 20 5.36 0.32 -20.56
CA ASN B 20 5.64 1.54 -21.28
C ASN B 20 7.05 1.52 -21.76
N PHE B 21 7.90 0.94 -20.96
CA PHE B 21 9.29 0.87 -21.31
C PHE B 21 9.46 0.02 -22.53
N TRP B 22 8.85 -1.13 -22.54
CA TRP B 22 9.04 -2.04 -23.64
C TRP B 22 8.27 -1.57 -24.86
N LYS B 23 7.14 -0.92 -24.70
CA LYS B 23 6.51 -0.40 -25.89
C LYS B 23 7.38 0.64 -26.54
N TYR B 24 8.00 1.52 -25.75
CA TYR B 24 8.85 2.52 -26.36
C TYR B 24 10.01 1.88 -27.08
N LEU B 25 10.63 0.87 -26.49
CA LEU B 25 11.75 0.25 -27.18
C LEU B 25 11.27 -0.38 -28.44
N CYS B 26 10.10 -0.96 -28.40
CA CYS B 26 9.62 -1.61 -29.59
C CYS B 26 9.47 -0.62 -30.70
N ASP B 27 8.95 0.55 -30.41
CA ASP B 27 8.79 1.49 -31.50
C ASP B 27 10.13 1.99 -31.97
N GLU B 28 11.05 2.20 -31.07
CA GLU B 28 12.34 2.76 -31.46
C GLU B 28 13.02 1.91 -32.50
N HIS B 29 12.92 0.58 -32.38
CA HIS B 29 13.59 -0.37 -33.23
C HIS B 29 12.75 -0.93 -34.36
N ASN B 30 11.52 -0.46 -34.54
CA ASN B 30 10.53 -1.01 -35.49
C ASN B 30 10.10 -2.46 -35.20
N ILE B 31 9.75 -2.71 -33.96
CA ILE B 31 9.20 -3.95 -33.54
C ILE B 31 7.74 -3.66 -33.30
N ASP B 32 6.85 -4.40 -33.90
CA ASP B 32 5.44 -4.03 -33.80
C ASP B 32 4.74 -4.63 -32.58
N TYR B 33 5.15 -4.19 -31.40
CA TYR B 33 4.54 -4.49 -30.10
C TYR B 33 4.47 -5.93 -29.64
N LYS B 34 4.14 -6.87 -30.50
CA LYS B 34 4.07 -8.28 -30.13
C LYS B 34 5.31 -9.01 -30.57
N GLY B 35 6.32 -8.29 -30.97
CA GLY B 35 7.55 -8.87 -31.42
C GLY B 35 7.67 -8.97 -32.92
N GLN B 36 6.61 -8.69 -33.64
CA GLN B 36 6.61 -8.79 -35.09
C GLN B 36 7.50 -7.75 -35.74
N GLU B 37 8.35 -8.17 -36.65
CA GLU B 37 9.20 -7.24 -37.35
C GLU B 37 8.43 -6.44 -38.37
N LYS B 38 8.66 -5.14 -38.42
CA LYS B 38 8.05 -4.32 -39.44
C LYS B 38 9.12 -3.46 -40.06
N GLY B 39 8.99 -3.17 -41.33
CA GLY B 39 9.98 -2.31 -41.93
C GLY B 39 11.33 -2.95 -41.81
N LYS B 40 12.29 -2.21 -41.32
CA LYS B 40 13.64 -2.68 -41.15
C LYS B 40 14.07 -2.46 -39.72
N ILE B 41 14.85 -3.40 -39.19
CA ILE B 41 15.31 -3.24 -37.83
C ILE B 41 16.37 -2.19 -37.80
N ARG B 42 16.27 -1.28 -36.85
CA ARG B 42 17.25 -0.24 -36.70
C ARG B 42 17.72 -0.19 -35.27
N GLY B 43 19.00 0.05 -35.07
CA GLY B 43 19.63 0.06 -33.76
C GLY B 43 20.16 -1.32 -33.44
N VAL B 44 20.87 -1.46 -32.34
CA VAL B 44 21.42 -2.77 -32.04
C VAL B 44 20.37 -3.54 -31.27
N ILE B 45 19.49 -4.17 -32.02
CA ILE B 45 18.33 -4.79 -31.43
C ILE B 45 18.69 -5.89 -30.48
N ASP B 46 19.79 -6.60 -30.74
CA ASP B 46 20.19 -7.74 -29.94
C ASP B 46 20.41 -7.35 -28.50
N ASN B 47 20.74 -6.11 -28.24
CA ASN B 47 21.08 -5.76 -26.89
C ASN B 47 19.90 -5.89 -25.95
N PHE B 48 18.68 -5.70 -26.42
CA PHE B 48 17.53 -5.85 -25.55
C PHE B 48 16.52 -6.90 -25.96
N PHE B 49 16.56 -7.40 -27.17
CA PHE B 49 15.61 -8.38 -27.60
C PHE B 49 16.26 -9.66 -28.09
N GLU B 50 15.67 -10.77 -27.75
CA GLU B 50 16.19 -12.04 -28.18
C GLU B 50 15.52 -12.46 -29.47
N LYS B 51 16.18 -13.33 -30.21
CA LYS B 51 15.64 -13.81 -31.47
C LYS B 51 14.75 -15.03 -31.34
N ALA B 52 13.58 -14.97 -31.95
CA ALA B 52 12.75 -16.14 -32.13
C ALA B 52 13.36 -16.93 -33.23
N SER B 53 12.97 -18.18 -33.38
CA SER B 53 13.55 -18.90 -34.49
C SER B 53 13.20 -18.24 -35.83
N ILE B 54 12.02 -17.62 -35.93
CA ILE B 54 11.65 -16.96 -37.17
C ILE B 54 11.09 -15.57 -36.93
N GLY B 55 11.80 -14.53 -37.35
CA GLY B 55 11.28 -13.18 -37.34
C GLY B 55 11.12 -12.49 -35.99
N LYS B 56 10.26 -13.06 -35.16
CA LYS B 56 9.79 -12.47 -33.92
C LYS B 56 10.90 -12.13 -32.92
N TRP B 57 10.74 -10.98 -32.29
CA TRP B 57 11.63 -10.55 -31.25
C TRP B 57 11.00 -10.70 -29.88
N ILE B 58 11.80 -11.08 -28.89
CA ILE B 58 11.36 -11.35 -27.53
C ILE B 58 12.05 -10.39 -26.57
N PRO B 59 11.36 -9.65 -25.76
CA PRO B 59 12.01 -8.81 -24.79
C PRO B 59 12.84 -9.64 -23.87
N ARG B 60 14.10 -9.27 -23.63
CA ARG B 60 14.92 -10.10 -22.74
C ARG B 60 14.66 -9.74 -21.28
N THR B 61 13.51 -10.18 -20.78
CA THR B 61 13.04 -9.81 -19.45
C THR B 61 12.51 -10.89 -18.57
N ILE B 62 12.59 -10.59 -17.29
CA ILE B 62 11.99 -11.35 -16.21
C ILE B 62 11.08 -10.44 -15.39
N LEU B 63 9.87 -10.88 -15.08
CA LEU B 63 8.97 -10.09 -14.24
C LEU B 63 8.79 -10.78 -12.90
N VAL B 64 9.16 -10.12 -11.80
CA VAL B 64 9.10 -10.74 -10.47
C VAL B 64 8.16 -9.97 -9.57
N ASP B 65 7.12 -10.62 -9.07
CA ASP B 65 6.21 -9.96 -8.15
C ASP B 65 5.63 -10.96 -7.18
N LEU B 66 5.82 -10.69 -5.92
CA LEU B 66 5.30 -11.57 -4.90
C LEU B 66 3.79 -11.55 -4.89
N GLY B 67 3.17 -10.44 -5.22
CA GLY B 67 1.73 -10.43 -5.34
C GLY B 67 1.41 -10.68 -6.80
N PRO B 68 0.30 -11.32 -7.12
CA PRO B 68 0.02 -11.66 -8.50
C PRO B 68 -0.51 -10.55 -9.33
N ASN B 69 -0.88 -9.42 -8.75
CA ASN B 69 -1.64 -8.43 -9.52
C ASN B 69 -0.82 -7.66 -10.55
N ALA B 70 0.41 -7.25 -10.25
CA ALA B 70 1.08 -6.44 -11.25
C ALA B 70 1.31 -7.27 -12.48
N ILE B 71 1.65 -8.52 -12.29
CA ILE B 71 1.96 -9.35 -13.42
C ILE B 71 0.71 -9.70 -14.17
N ARG B 72 -0.36 -10.03 -13.48
CA ARG B 72 -1.55 -10.43 -14.21
C ARG B 72 -2.07 -9.31 -15.08
N LYS B 73 -2.06 -8.06 -14.61
CA LYS B 73 -2.59 -7.08 -15.56
C LYS B 73 -1.60 -6.82 -16.68
N VAL B 74 -0.31 -6.90 -16.42
CA VAL B 74 0.60 -6.65 -17.52
C VAL B 74 0.47 -7.68 -18.59
N THR B 75 0.36 -8.94 -18.24
CA THR B 75 0.34 -9.93 -19.29
C THR B 75 -1.05 -10.21 -19.84
N LYS B 76 -2.11 -9.81 -19.17
CA LYS B 76 -3.43 -10.02 -19.73
C LYS B 76 -4.10 -8.77 -20.29
N LYS B 77 -3.77 -7.59 -19.81
CA LYS B 77 -4.44 -6.39 -20.26
C LYS B 77 -3.53 -5.38 -20.93
N ASP B 78 -2.30 -5.16 -20.45
CA ASP B 78 -1.48 -4.07 -21.00
C ASP B 78 -0.66 -4.44 -22.24
N MET B 79 -0.08 -5.63 -22.31
CA MET B 79 0.75 -5.96 -23.45
C MET B 79 0.77 -7.46 -23.64
N LYS B 80 0.04 -7.93 -24.61
CA LYS B 80 -0.14 -9.36 -24.74
C LYS B 80 0.96 -10.02 -25.55
N ASP B 81 1.17 -11.31 -25.28
CA ASP B 81 2.03 -12.17 -26.07
C ASP B 81 3.44 -11.60 -26.26
N PHE B 82 3.93 -10.98 -25.22
CA PHE B 82 5.23 -10.37 -25.24
C PHE B 82 6.01 -10.82 -24.01
N PHE B 83 5.52 -10.48 -22.83
CA PHE B 83 6.19 -10.84 -21.60
C PHE B 83 5.81 -12.27 -21.30
N ASP B 84 6.42 -13.19 -22.02
CA ASP B 84 6.11 -14.61 -21.97
C ASP B 84 6.05 -15.14 -20.53
N PRO B 85 4.92 -15.76 -20.14
CA PRO B 85 4.68 -16.28 -18.79
C PRO B 85 5.75 -17.19 -18.28
N LYS B 86 6.49 -17.83 -19.16
CA LYS B 86 7.54 -18.71 -18.73
C LYS B 86 8.60 -17.97 -17.95
N ARG B 87 8.71 -16.68 -18.14
CA ARG B 87 9.72 -15.88 -17.47
C ARG B 87 9.14 -15.02 -16.37
N CYS B 88 7.93 -15.29 -15.93
CA CYS B 88 7.37 -14.54 -14.83
C CYS B 88 7.45 -15.32 -13.53
N VAL B 89 7.84 -14.66 -12.46
CA VAL B 89 7.92 -15.27 -11.16
C VAL B 89 6.82 -14.69 -10.32
N MET B 90 5.83 -15.48 -10.01
CA MET B 90 4.65 -14.98 -9.34
C MET B 90 4.41 -15.62 -8.00
N GLY B 91 4.27 -14.80 -6.98
CA GLY B 91 3.93 -15.28 -5.67
C GLY B 91 2.43 -15.15 -5.49
N LEU B 92 1.92 -15.49 -4.32
CA LEU B 92 0.49 -15.35 -4.10
C LEU B 92 0.22 -14.67 -2.81
N ALA B 93 1.05 -13.71 -2.45
CA ALA B 93 0.82 -12.99 -1.22
C ALA B 93 1.41 -11.62 -1.33
N GLY B 94 0.87 -10.70 -0.61
CA GLY B 94 1.47 -9.39 -0.60
C GLY B 94 2.59 -9.38 0.39
N ASP B 95 3.24 -8.24 0.49
CA ASP B 95 4.29 -8.01 1.43
C ASP B 95 3.85 -7.17 2.61
N ALA B 96 2.62 -6.72 2.59
CA ALA B 96 2.11 -5.79 3.58
C ALA B 96 3.02 -4.58 3.63
N ASN B 97 3.59 -4.29 2.48
CA ASN B 97 4.51 -3.21 2.23
C ASN B 97 5.84 -3.35 2.95
N LEU B 98 6.12 -4.47 3.62
CA LEU B 98 7.35 -4.62 4.42
C LEU B 98 8.60 -5.07 3.68
N PHE B 99 9.72 -4.38 3.95
CA PHE B 99 11.01 -4.78 3.43
C PHE B 99 11.27 -6.20 3.75
N ALA B 100 11.02 -6.56 4.99
CA ALA B 100 11.34 -7.87 5.48
C ALA B 100 10.76 -8.99 4.65
N LYS B 101 9.57 -8.81 4.12
CA LYS B 101 8.97 -9.92 3.42
C LYS B 101 9.74 -10.30 2.19
N GLY B 102 10.33 -9.36 1.49
CA GLY B 102 11.02 -9.72 0.29
C GLY B 102 12.47 -10.00 0.48
N TYR B 103 12.97 -9.95 1.69
CA TYR B 103 14.38 -10.14 1.91
C TYR B 103 14.67 -11.27 2.87
N TYR B 104 13.84 -11.47 3.86
CA TYR B 104 14.10 -12.49 4.84
C TYR B 104 13.07 -13.61 4.87
N SER B 105 11.78 -13.31 4.85
CA SER B 105 10.84 -14.38 5.16
C SER B 105 10.00 -14.96 4.02
N TYR B 106 9.62 -14.22 3.00
CA TYR B 106 8.77 -14.80 1.99
C TYR B 106 9.49 -14.86 0.68
N GLY B 107 10.07 -13.76 0.25
CA GLY B 107 10.67 -13.70 -1.05
C GLY B 107 11.86 -14.60 -1.19
N THR B 108 12.39 -15.04 -0.08
CA THR B 108 13.54 -15.88 -0.12
C THR B 108 13.22 -17.26 -0.63
N ARG B 109 11.98 -17.68 -0.54
CA ARG B 109 11.64 -19.02 -1.01
C ARG B 109 11.56 -19.07 -2.50
N PHE B 110 11.61 -17.94 -3.15
CA PHE B 110 11.57 -17.88 -4.59
C PHE B 110 12.96 -17.74 -5.18
N MET B 111 13.99 -17.67 -4.37
CA MET B 111 15.26 -17.38 -5.00
C MET B 111 15.73 -18.50 -5.87
N GLU B 112 15.36 -19.73 -5.59
CA GLU B 112 15.76 -20.79 -6.50
C GLU B 112 15.14 -20.59 -7.85
N GLU B 113 13.85 -20.27 -7.86
CA GLU B 113 13.13 -20.06 -9.10
C GLU B 113 13.66 -18.85 -9.85
N ILE B 114 13.94 -17.76 -9.13
CA ILE B 114 14.40 -16.55 -9.79
C ILE B 114 15.76 -16.77 -10.40
N MET B 115 16.68 -17.37 -9.65
CA MET B 115 18.00 -17.54 -10.22
C MET B 115 17.99 -18.57 -11.32
N ASP B 116 17.08 -19.53 -11.30
CA ASP B 116 17.02 -20.47 -12.39
C ASP B 116 16.55 -19.76 -13.64
N LYS B 117 15.55 -18.89 -13.53
CA LYS B 117 15.11 -18.20 -14.72
C LYS B 117 16.19 -17.25 -15.24
N ILE B 118 16.92 -16.62 -14.34
CA ILE B 118 17.96 -15.72 -14.79
C ILE B 118 18.99 -16.50 -15.55
N GLN B 119 19.42 -17.64 -15.04
CA GLN B 119 20.42 -18.35 -15.80
C GLN B 119 19.89 -18.71 -17.15
N LYS B 120 18.63 -19.09 -17.24
CA LYS B 120 18.14 -19.43 -18.57
C LYS B 120 18.26 -18.27 -19.52
N GLU B 121 18.12 -17.03 -19.06
CA GLU B 121 18.33 -15.91 -19.97
C GLU B 121 19.81 -15.73 -20.29
N VAL B 122 20.67 -15.93 -19.31
CA VAL B 122 22.09 -15.77 -19.49
C VAL B 122 22.60 -16.76 -20.50
N ASP B 123 22.11 -17.98 -20.44
CA ASP B 123 22.57 -19.05 -21.30
C ASP B 123 22.23 -18.85 -22.76
N GLN B 124 21.37 -17.92 -23.10
CA GLN B 124 21.04 -17.71 -24.50
C GLN B 124 21.93 -16.67 -25.14
N THR B 125 22.83 -16.05 -24.38
CA THR B 125 23.63 -14.98 -24.94
C THR B 125 25.13 -15.16 -24.79
N GLU B 126 25.83 -14.91 -25.88
CA GLU B 126 27.27 -15.03 -25.93
C GLU B 126 28.00 -13.97 -25.13
N HIS B 127 27.50 -12.74 -25.08
CA HIS B 127 28.27 -11.67 -24.43
C HIS B 127 27.48 -10.77 -23.50
N LEU B 128 27.30 -11.12 -22.24
CA LEU B 128 26.59 -10.19 -21.40
C LEU B 128 27.45 -9.01 -21.07
N GLN B 129 26.82 -7.88 -21.06
CA GLN B 129 27.39 -6.65 -20.61
C GLN B 129 27.01 -6.43 -19.20
N GLY B 130 25.77 -6.76 -18.87
CA GLY B 130 25.31 -6.52 -17.54
C GLY B 130 23.84 -6.76 -17.34
N PHE B 131 23.39 -6.41 -16.15
CA PHE B 131 22.00 -6.54 -15.71
C PHE B 131 21.45 -5.20 -15.29
N ILE B 132 20.20 -4.97 -15.57
CA ILE B 132 19.50 -3.81 -15.07
C ILE B 132 18.31 -4.27 -14.28
N VAL B 133 18.19 -3.79 -13.05
CA VAL B 133 17.10 -4.17 -12.19
C VAL B 133 16.28 -2.93 -11.93
N VAL B 134 15.03 -2.97 -12.31
CA VAL B 134 14.14 -1.85 -12.16
C VAL B 134 13.20 -2.09 -11.00
N HIS B 135 13.20 -1.22 -10.01
CA HIS B 135 12.38 -1.50 -8.86
C HIS B 135 12.00 -0.28 -8.08
N SER B 136 10.94 -0.40 -7.33
CA SER B 136 10.53 0.64 -6.43
C SER B 136 11.28 0.50 -5.15
N ILE B 137 11.70 1.59 -4.57
CA ILE B 137 12.40 1.53 -3.30
C ILE B 137 11.47 2.09 -2.27
N GLY B 138 11.25 1.35 -1.21
CA GLY B 138 10.28 1.78 -0.20
C GLY B 138 9.01 0.95 -0.18
N ASP B 139 8.80 0.18 -1.21
CA ASP B 139 7.70 -0.75 -1.31
C ASP B 139 8.25 -2.16 -1.11
N GLY B 140 7.87 -2.80 -0.03
CA GLY B 140 8.44 -4.06 0.38
C GLY B 140 8.86 -5.02 -0.69
N THR B 141 7.99 -5.38 -1.61
CA THR B 141 8.38 -6.37 -2.61
C THR B 141 9.60 -5.95 -3.39
N GLY B 142 9.67 -4.70 -3.78
CA GLY B 142 10.79 -4.19 -4.53
C GLY B 142 11.97 -3.94 -3.63
N ALA B 143 11.70 -3.28 -2.52
CA ALA B 143 12.73 -2.91 -1.58
C ALA B 143 13.45 -4.13 -1.07
N GLY B 144 12.74 -5.20 -0.91
CA GLY B 144 13.24 -6.46 -0.46
C GLY B 144 13.84 -7.28 -1.56
N LEU B 145 13.08 -7.70 -2.55
CA LEU B 145 13.67 -8.60 -3.52
C LEU B 145 14.72 -7.95 -4.38
N ALA B 146 14.59 -6.70 -4.77
CA ALA B 146 15.59 -6.23 -5.71
C ALA B 146 16.99 -6.43 -5.19
N PRO B 147 17.37 -6.01 -4.00
CA PRO B 147 18.70 -6.29 -3.52
C PRO B 147 18.94 -7.74 -3.22
N LEU B 148 17.93 -8.53 -2.94
CA LEU B 148 18.20 -9.94 -2.73
C LEU B 148 18.65 -10.59 -4.03
N ILE B 149 17.97 -10.21 -5.12
CA ILE B 149 18.25 -10.72 -6.46
C ILE B 149 19.59 -10.23 -6.93
N MET B 150 19.85 -8.94 -6.73
CA MET B 150 21.10 -8.36 -7.19
C MET B 150 22.29 -9.01 -6.54
N GLU B 151 22.22 -9.24 -5.23
CA GLU B 151 23.33 -9.89 -4.57
C GLU B 151 23.52 -11.30 -5.08
N ALA B 152 22.44 -12.03 -5.29
CA ALA B 152 22.56 -13.39 -5.78
C ALA B 152 23.22 -13.44 -7.14
N ILE B 153 22.92 -12.48 -7.99
CA ILE B 153 23.54 -12.43 -9.31
C ILE B 153 25.01 -12.11 -9.21
N LYS B 154 25.38 -11.08 -8.46
CA LYS B 154 26.79 -10.69 -8.48
C LYS B 154 27.70 -11.74 -7.92
N LYS B 155 27.25 -12.57 -7.00
CA LYS B 155 28.17 -13.59 -6.54
C LYS B 155 28.34 -14.71 -7.54
N LYS B 156 27.53 -14.74 -8.58
CA LYS B 156 27.59 -15.75 -9.60
C LYS B 156 28.23 -15.23 -10.89
N HIS B 157 28.00 -13.96 -11.19
CA HIS B 157 28.53 -13.31 -12.39
C HIS B 157 29.24 -12.01 -12.01
N PRO B 158 30.36 -12.11 -11.31
CA PRO B 158 31.04 -10.96 -10.69
C PRO B 158 31.66 -9.97 -11.64
N LYS B 159 31.87 -10.32 -12.88
CA LYS B 159 32.53 -9.43 -13.83
C LYS B 159 31.56 -8.56 -14.60
N LEU B 160 30.27 -8.72 -14.40
CA LEU B 160 29.32 -7.93 -15.12
C LEU B 160 28.95 -6.69 -14.34
N VAL B 161 28.56 -5.66 -15.02
CA VAL B 161 28.15 -4.45 -14.34
C VAL B 161 26.69 -4.56 -14.01
N MET B 162 26.35 -4.24 -12.79
CA MET B 162 24.95 -4.22 -12.46
C MET B 162 24.46 -2.82 -12.15
N MET B 163 23.38 -2.46 -12.78
CA MET B 163 22.81 -1.15 -12.62
C MET B 163 21.40 -1.27 -12.13
N SER B 164 21.02 -0.38 -11.26
CA SER B 164 19.66 -0.43 -10.81
C SER B 164 18.98 0.89 -11.05
N TYR B 165 17.69 0.81 -11.21
CA TYR B 165 16.87 1.98 -11.39
C TYR B 165 15.95 1.98 -10.21
N SER B 166 16.22 2.87 -9.29
CA SER B 166 15.54 2.93 -8.01
C SER B 166 14.53 4.05 -8.03
N ILE B 167 13.27 3.74 -7.83
CA ILE B 167 12.26 4.77 -7.91
C ILE B 167 11.70 5.05 -6.55
N VAL B 168 11.75 6.29 -6.10
CA VAL B 168 11.26 6.65 -4.79
C VAL B 168 9.80 7.07 -4.90
N PRO B 169 8.89 6.41 -4.22
CA PRO B 169 7.47 6.73 -4.25
C PRO B 169 7.20 8.12 -3.71
N SER B 170 6.21 8.78 -4.28
CA SER B 170 5.82 10.12 -3.89
C SER B 170 4.68 10.08 -2.92
N GLN B 171 4.50 11.16 -2.20
CA GLN B 171 3.48 11.12 -1.17
C GLN B 171 2.07 11.32 -1.68
N ASN B 172 1.89 11.65 -2.93
CA ASN B 172 0.58 11.82 -3.47
C ASN B 172 0.16 10.60 -4.23
N MET B 173 0.97 9.55 -4.17
CA MET B 173 0.71 8.32 -4.87
C MET B 173 0.65 7.22 -3.82
N ASP B 174 0.81 5.97 -4.21
CA ASP B 174 0.54 4.88 -3.28
C ASP B 174 1.68 4.53 -2.34
N CYS B 175 1.98 5.43 -1.41
CA CYS B 175 3.01 5.17 -0.41
C CYS B 175 2.49 4.53 0.85
N SER B 176 3.38 3.82 1.52
CA SER B 176 3.15 3.24 2.81
C SER B 176 3.63 4.16 3.92
N THR B 177 3.11 3.95 5.13
CA THR B 177 3.52 4.78 6.26
C THR B 177 4.86 4.37 6.80
N ILE B 178 5.37 3.28 6.29
CA ILE B 178 6.66 2.81 6.68
C ILE B 178 7.66 3.04 5.58
N LEU B 179 7.33 3.93 4.65
CA LEU B 179 8.26 4.23 3.57
C LEU B 179 9.67 4.51 4.05
N PRO B 180 9.90 5.35 5.05
CA PRO B 180 11.25 5.64 5.49
C PRO B 180 11.99 4.45 5.99
N TYR B 181 11.30 3.45 6.45
CA TYR B 181 12.01 2.30 6.92
C TYR B 181 12.42 1.49 5.74
N ASN B 182 11.49 1.24 4.86
CA ASN B 182 11.86 0.38 3.78
C ASN B 182 12.91 1.05 2.93
N ALA B 183 12.85 2.35 2.84
CA ALA B 183 13.78 3.07 2.00
C ALA B 183 15.20 2.98 2.53
N ILE B 184 15.46 3.14 3.82
CA ILE B 184 16.88 3.04 4.10
C ILE B 184 17.29 1.62 4.35
N LEU B 185 16.36 0.76 4.68
CA LEU B 185 16.73 -0.63 4.81
C LEU B 185 17.18 -1.16 3.48
N SER B 186 16.57 -0.66 2.39
CA SER B 186 16.98 -1.11 1.08
C SER B 186 18.13 -0.29 0.51
N LEU B 187 18.29 1.01 0.83
CA LEU B 187 19.49 1.69 0.35
C LEU B 187 20.71 1.03 0.92
N ASP B 188 20.59 0.54 2.13
CA ASP B 188 21.68 -0.15 2.76
C ASP B 188 22.16 -1.32 1.97
N LYS B 189 21.30 -1.99 1.23
CA LYS B 189 21.80 -3.12 0.49
C LYS B 189 22.25 -2.70 -0.89
N LEU B 190 21.61 -1.69 -1.47
CA LEU B 190 22.02 -1.25 -2.78
C LEU B 190 23.42 -0.72 -2.71
N THR B 191 23.78 -0.10 -1.61
CA THR B 191 25.08 0.52 -1.42
C THR B 191 26.19 -0.51 -1.47
N SER B 192 25.89 -1.78 -1.27
CA SER B 192 26.86 -2.83 -1.29
C SER B 192 26.73 -3.77 -2.48
N CYS B 193 25.80 -3.53 -3.40
CA CYS B 193 25.64 -4.44 -4.53
C CYS B 193 25.49 -3.80 -5.88
N ALA B 194 25.02 -2.57 -5.99
CA ALA B 194 24.93 -1.97 -7.30
C ALA B 194 26.28 -1.40 -7.70
N ASP B 195 26.59 -1.41 -8.99
CA ASP B 195 27.77 -0.69 -9.43
C ASP B 195 27.36 0.71 -9.81
N ILE B 196 26.18 0.84 -10.38
CA ILE B 196 25.60 2.10 -10.77
C ILE B 196 24.19 2.12 -10.22
N SER B 197 23.78 3.16 -9.55
CA SER B 197 22.38 3.14 -9.15
C SER B 197 21.77 4.49 -9.36
N MET B 198 20.72 4.54 -10.14
CA MET B 198 20.11 5.82 -10.42
C MET B 198 18.87 5.98 -9.59
N ILE B 199 18.69 7.14 -8.97
CA ILE B 199 17.54 7.38 -8.15
C ILE B 199 16.69 8.42 -8.80
N ILE B 200 15.45 8.09 -9.04
CA ILE B 200 14.53 9.02 -9.61
C ILE B 200 13.43 9.23 -8.61
N ASP B 201 13.12 10.46 -8.32
CA ASP B 201 12.16 10.80 -7.28
C ASP B 201 10.78 11.17 -7.81
N ASN B 202 9.77 10.37 -7.47
CA ASN B 202 8.45 10.68 -7.98
C ASN B 202 7.90 11.98 -7.42
N ASP B 203 8.40 12.47 -6.29
CA ASP B 203 7.89 13.72 -5.80
C ASP B 203 8.34 14.85 -6.70
N SER B 204 9.46 14.71 -7.40
CA SER B 204 9.82 15.79 -8.31
C SER B 204 9.02 15.69 -9.57
N ILE B 205 8.69 14.49 -9.98
CA ILE B 205 7.82 14.39 -11.14
C ILE B 205 6.51 15.06 -10.82
N TYR B 206 5.98 14.77 -9.65
CA TYR B 206 4.74 15.36 -9.20
C TYR B 206 4.84 16.87 -9.15
N ARG B 207 5.88 17.39 -8.52
CA ARG B 207 6.01 18.83 -8.38
C ARG B 207 6.05 19.51 -9.71
N ILE B 208 6.80 18.96 -10.67
CA ILE B 208 6.93 19.60 -11.96
C ILE B 208 5.61 19.64 -12.65
N VAL B 209 4.87 18.53 -12.64
CA VAL B 209 3.58 18.54 -13.29
C VAL B 209 2.62 19.47 -12.60
N ALA B 210 2.61 19.47 -11.30
CA ALA B 210 1.72 20.37 -10.60
C ALA B 210 2.08 21.81 -10.91
N THR B 211 3.36 22.11 -11.04
CA THR B 211 3.81 23.46 -11.35
C THR B 211 3.24 23.91 -12.69
N GLN B 212 3.20 23.01 -13.65
CA GLN B 212 2.65 23.24 -14.97
C GLN B 212 1.15 23.49 -14.97
N GLY B 213 0.48 23.25 -13.85
CA GLY B 213 -0.95 23.41 -13.78
C GLY B 213 -1.72 22.19 -14.18
N LYS B 214 -1.10 21.02 -14.14
CA LYS B 214 -1.76 19.80 -14.58
C LYS B 214 -1.88 18.78 -13.45
N GLU B 215 -1.96 19.20 -12.19
CA GLU B 215 -2.02 18.21 -11.12
C GLU B 215 -3.29 17.40 -11.17
N ASN B 216 -4.35 17.94 -11.73
CA ASN B 216 -5.61 17.24 -11.74
C ASN B 216 -5.67 16.19 -12.81
N GLU B 217 -4.64 16.07 -13.62
CA GLU B 217 -4.56 15.05 -14.64
C GLU B 217 -3.64 13.93 -14.19
N LEU B 218 -2.96 14.09 -13.09
CA LEU B 218 -2.00 13.08 -12.68
C LEU B 218 -2.68 11.81 -12.28
N SER B 219 -2.12 10.74 -12.77
CA SER B 219 -2.56 9.41 -12.52
C SER B 219 -1.36 8.54 -12.72
N GLU B 220 -1.54 7.26 -12.48
CA GLU B 220 -0.43 6.35 -12.64
C GLU B 220 0.14 6.42 -14.03
N SER B 221 -0.70 6.62 -15.05
CA SER B 221 -0.19 6.61 -16.41
C SER B 221 0.79 7.73 -16.70
N ILE B 222 0.66 8.88 -16.06
CA ILE B 222 1.64 9.92 -16.35
C ILE B 222 2.93 9.58 -15.68
N PHE B 223 2.87 9.10 -14.46
CA PHE B 223 4.10 8.71 -13.81
C PHE B 223 4.78 7.59 -14.55
N ASP B 224 4.02 6.63 -15.03
CA ASP B 224 4.61 5.53 -15.75
C ASP B 224 5.25 6.00 -17.04
N GLN B 225 4.64 6.95 -17.76
CA GLN B 225 5.26 7.45 -18.97
C GLN B 225 6.55 8.17 -18.69
N VAL B 226 6.59 9.00 -17.64
CA VAL B 226 7.84 9.70 -17.37
C VAL B 226 8.92 8.73 -16.98
N LEU B 227 8.61 7.80 -16.11
CA LEU B 227 9.60 6.86 -15.66
C LEU B 227 10.08 6.00 -16.81
N ALA B 228 9.17 5.56 -17.66
CA ALA B 228 9.58 4.72 -18.76
C ALA B 228 10.44 5.47 -19.73
N LYS B 229 10.13 6.73 -20.00
CA LYS B 229 11.00 7.47 -20.90
C LYS B 229 12.37 7.62 -20.31
N ALA B 230 12.46 7.87 -19.01
CA ALA B 230 13.77 7.98 -18.44
C ALA B 230 14.56 6.72 -18.67
N LEU B 231 13.96 5.56 -18.46
CA LEU B 231 14.71 4.35 -18.70
C LEU B 231 15.15 4.25 -20.12
N VAL B 232 14.28 4.61 -21.05
CA VAL B 232 14.61 4.48 -22.45
C VAL B 232 15.77 5.37 -22.81
N GLU B 233 15.74 6.61 -22.38
CA GLU B 233 16.80 7.54 -22.75
C GLU B 233 18.12 7.20 -22.09
N ILE B 234 18.08 6.76 -20.84
CA ILE B 234 19.30 6.41 -20.13
C ILE B 234 19.95 5.24 -20.79
N THR B 235 19.14 4.29 -21.19
CA THR B 235 19.59 3.08 -21.80
C THR B 235 19.91 3.28 -23.27
N ALA B 236 19.44 4.36 -23.87
CA ALA B 236 19.56 4.59 -25.30
C ALA B 236 20.98 4.57 -25.82
N THR B 237 21.94 5.04 -25.05
CA THR B 237 23.26 5.05 -25.63
C THR B 237 23.84 3.65 -25.75
N LEU B 238 23.22 2.66 -25.16
CA LEU B 238 23.65 1.28 -25.26
C LEU B 238 23.02 0.59 -26.43
N ARG B 239 22.14 1.27 -27.15
CA ARG B 239 21.42 0.66 -28.26
C ARG B 239 21.84 1.16 -29.63
N PHE B 240 22.82 2.01 -29.72
CA PHE B 240 23.25 2.53 -30.99
C PHE B 240 24.75 2.74 -30.93
N ASN B 241 25.33 3.20 -32.02
CA ASN B 241 26.77 3.39 -32.01
C ASN B 241 27.15 4.74 -31.45
N SER B 242 26.95 4.85 -30.17
CA SER B 242 27.17 6.05 -29.41
C SER B 242 28.65 6.33 -29.22
N PRO B 243 29.03 7.59 -29.18
CA PRO B 243 30.36 8.04 -28.81
C PRO B 243 30.63 8.19 -27.30
N LEU B 244 29.64 8.10 -26.41
CA LEU B 244 29.87 8.40 -24.98
C LEU B 244 29.92 7.20 -24.07
N ASN B 245 28.92 6.36 -24.14
CA ASN B 245 28.81 5.23 -23.25
C ASN B 245 28.38 4.06 -24.10
N ARG B 246 29.33 3.32 -24.60
CA ARG B 246 28.96 2.23 -25.46
C ARG B 246 28.67 0.97 -24.69
N SER B 247 28.86 1.03 -23.38
CA SER B 247 28.71 -0.14 -22.54
C SER B 247 28.50 0.24 -21.11
N MET B 248 27.80 -0.61 -20.38
CA MET B 248 27.64 -0.39 -18.96
C MET B 248 28.99 -0.37 -18.29
N MET B 249 29.97 -1.03 -18.90
CA MET B 249 31.32 -1.01 -18.38
C MET B 249 31.92 0.40 -18.48
N GLU B 250 31.55 1.12 -19.53
CA GLU B 250 32.04 2.47 -19.69
C GLU B 250 31.27 3.39 -18.81
N MET B 251 29.99 3.12 -18.62
CA MET B 251 29.21 3.97 -17.74
C MET B 251 29.81 3.94 -16.37
N SER B 252 30.18 2.76 -15.90
CA SER B 252 30.78 2.69 -14.59
C SER B 252 32.00 3.58 -14.55
N THR B 253 32.85 3.48 -15.57
CA THR B 253 34.05 4.32 -15.56
C THR B 253 33.74 5.81 -15.58
N ASN B 254 32.79 6.24 -16.39
CA ASN B 254 32.49 7.66 -16.57
C ASN B 254 31.69 8.26 -15.42
N LEU B 255 30.84 7.50 -14.80
CA LEU B 255 29.95 8.05 -13.81
C LEU B 255 30.36 7.85 -12.36
N VAL B 256 31.11 6.80 -12.00
CA VAL B 256 31.42 6.60 -10.59
C VAL B 256 32.90 6.39 -10.31
N PRO B 257 33.67 7.44 -10.14
CA PRO B 257 35.12 7.33 -9.91
C PRO B 257 35.50 6.91 -8.50
N PHE B 258 34.58 6.98 -7.55
CA PHE B 258 34.83 6.64 -6.16
C PHE B 258 33.76 5.65 -5.74
N PRO B 259 33.99 4.35 -5.96
CA PRO B 259 32.99 3.27 -5.98
C PRO B 259 31.83 3.26 -4.99
N ARG B 260 32.04 3.73 -3.78
CA ARG B 260 30.93 3.74 -2.86
C ARG B 260 29.91 4.77 -3.26
N ASN B 261 30.35 5.88 -3.83
CA ASN B 261 29.44 6.95 -4.19
C ASN B 261 28.91 6.76 -5.60
N HIS B 262 28.07 5.77 -5.77
CA HIS B 262 27.55 5.44 -7.08
C HIS B 262 26.15 5.85 -7.30
N PHE B 263 25.59 6.67 -6.46
CA PHE B 263 24.20 7.02 -6.64
C PHE B 263 24.10 8.24 -7.51
N LEU B 264 23.33 8.12 -8.57
CA LEU B 264 23.20 9.16 -9.57
C LEU B 264 21.83 9.82 -9.60
N MET B 265 21.81 11.05 -10.07
CA MET B 265 20.65 11.89 -10.21
C MET B 265 20.49 12.16 -11.69
N THR B 266 19.27 12.31 -12.22
CA THR B 266 19.15 12.52 -13.66
C THR B 266 18.21 13.66 -14.03
N SER B 267 18.32 14.13 -15.27
CA SER B 267 17.42 15.17 -15.75
C SER B 267 17.04 14.87 -17.18
N MET B 268 15.89 15.40 -17.62
CA MET B 268 15.42 15.09 -18.96
C MET B 268 14.78 16.27 -19.61
N SER B 269 14.91 16.35 -20.92
CA SER B 269 14.13 17.28 -21.66
C SER B 269 13.91 16.83 -23.08
N PRO B 270 12.73 16.93 -23.56
CA PRO B 270 11.51 17.37 -22.97
C PRO B 270 10.84 16.36 -22.06
N LEU B 271 10.05 16.85 -21.11
CA LEU B 271 9.13 16.02 -20.36
C LEU B 271 7.81 16.15 -21.05
N GLU B 272 7.03 15.09 -21.12
CA GLU B 272 5.79 15.18 -21.86
C GLU B 272 4.59 14.78 -21.01
N THR B 273 4.13 15.70 -20.20
CA THR B 273 2.98 15.40 -19.36
C THR B 273 1.80 15.09 -20.28
N SER B 274 1.20 13.93 -20.08
CA SER B 274 0.02 13.47 -20.82
C SER B 274 0.25 13.31 -22.30
N LEU B 275 1.49 13.50 -22.74
CA LEU B 275 1.85 13.51 -24.16
C LEU B 275 1.14 14.62 -24.94
N THR B 276 0.77 15.73 -24.28
CA THR B 276 0.08 16.86 -24.92
C THR B 276 0.90 18.14 -24.91
N SER B 277 2.19 18.02 -24.62
CA SER B 277 3.09 19.14 -24.42
C SER B 277 3.42 19.94 -25.69
N ALA B 278 3.30 19.35 -26.88
CA ALA B 278 3.55 20.08 -28.12
C ALA B 278 4.92 20.75 -28.18
N HIS B 279 5.97 20.01 -27.84
CA HIS B 279 7.30 20.59 -27.93
C HIS B 279 7.74 20.61 -29.38
N GLN B 280 7.13 21.52 -30.12
CA GLN B 280 7.32 21.56 -31.56
C GLN B 280 8.75 21.87 -31.93
N LYS B 281 9.39 22.72 -31.17
CA LYS B 281 10.76 23.04 -31.50
C LYS B 281 11.57 23.36 -30.25
N ILE B 282 12.69 22.70 -30.16
CA ILE B 282 13.68 22.93 -29.15
C ILE B 282 14.94 23.26 -29.91
N GLU B 283 15.58 24.34 -29.59
CA GLU B 283 16.84 24.64 -30.22
C GLU B 283 17.95 23.97 -29.43
N THR B 284 19.11 23.76 -30.05
CA THR B 284 20.20 23.09 -29.33
C THR B 284 20.58 23.84 -28.06
N LYS B 285 20.66 25.17 -28.13
CA LYS B 285 21.07 25.92 -26.96
C LYS B 285 20.07 25.74 -25.84
N GLU B 286 18.79 25.72 -26.17
CA GLU B 286 17.79 25.57 -25.14
C GLU B 286 17.84 24.18 -24.56
N LEU B 287 18.09 23.17 -25.36
CA LEU B 287 18.07 21.85 -24.79
C LEU B 287 19.08 21.77 -23.68
N MET B 288 20.26 22.34 -23.88
CA MET B 288 21.19 22.25 -22.76
C MET B 288 20.74 23.09 -21.58
N GLN B 289 20.14 24.25 -21.80
CA GLN B 289 19.70 24.98 -20.62
C GLN B 289 18.60 24.23 -19.89
N ASP B 290 17.73 23.53 -20.60
CA ASP B 290 16.68 22.79 -19.91
C ASP B 290 17.29 21.70 -19.07
N LEU B 291 18.29 21.03 -19.60
CA LEU B 291 18.84 19.91 -18.88
C LEU B 291 19.51 20.33 -17.59
N ILE B 292 20.06 21.55 -17.55
CA ILE B 292 20.68 22.05 -16.32
C ILE B 292 19.66 22.64 -15.37
N ASP B 293 18.60 23.21 -15.89
CA ASP B 293 17.58 23.90 -15.09
C ASP B 293 16.82 23.00 -14.13
N GLN B 294 16.48 23.62 -13.01
CA GLN B 294 15.82 22.99 -11.87
C GLN B 294 14.56 22.23 -12.21
N ASP B 295 13.74 22.72 -13.13
CA ASP B 295 12.46 22.07 -13.32
C ASP B 295 12.49 20.91 -14.28
N HIS B 296 13.65 20.48 -14.70
CA HIS B 296 13.76 19.29 -15.48
C HIS B 296 14.56 18.24 -14.76
N ILE B 297 14.89 18.47 -13.49
CA ILE B 297 15.66 17.49 -12.74
C ILE B 297 14.70 16.65 -11.97
N LEU B 298 14.76 15.35 -12.17
CA LEU B 298 13.80 14.50 -11.53
C LEU B 298 14.34 14.00 -10.19
N ALA B 299 14.66 14.96 -9.35
CA ALA B 299 15.17 14.79 -8.01
C ALA B 299 15.07 16.11 -7.28
N PRO B 300 14.99 16.15 -5.98
CA PRO B 300 14.88 17.37 -5.19
C PRO B 300 16.19 18.09 -4.99
N ILE B 301 16.85 18.44 -6.06
CA ILE B 301 18.11 19.13 -5.96
C ILE B 301 18.12 20.32 -6.88
N THR B 302 18.99 21.26 -6.60
CA THR B 302 19.16 22.38 -7.49
C THR B 302 20.61 22.36 -7.91
N VAL B 303 20.86 22.49 -9.21
CA VAL B 303 22.21 22.36 -9.75
C VAL B 303 23.13 23.46 -9.27
N GLU B 304 22.58 24.53 -8.78
CA GLU B 304 23.31 25.66 -8.29
C GLU B 304 23.94 25.38 -6.94
N LYS B 305 23.56 24.29 -6.30
CA LYS B 305 24.07 23.93 -4.99
C LYS B 305 24.86 22.64 -5.07
N GLY B 306 25.83 22.51 -4.22
CA GLY B 306 26.58 21.28 -4.12
C GLY B 306 27.64 21.18 -5.17
N VAL B 307 28.20 19.99 -5.32
CA VAL B 307 29.29 19.77 -6.24
C VAL B 307 29.06 18.54 -7.07
N PHE B 308 29.73 18.52 -8.20
CA PHE B 308 29.70 17.38 -9.07
C PHE B 308 30.96 16.56 -8.95
N THR B 309 30.80 15.30 -9.20
CA THR B 309 31.90 14.40 -9.37
C THR B 309 31.94 13.92 -10.78
N ALA B 310 30.80 13.83 -11.42
CA ALA B 310 30.77 13.42 -12.80
C ALA B 310 29.54 13.99 -13.44
N PHE B 311 29.61 14.24 -14.72
CA PHE B 311 28.47 14.83 -15.39
C PHE B 311 28.52 14.51 -16.85
N VAL B 312 27.56 13.75 -17.32
CA VAL B 312 27.52 13.34 -18.70
C VAL B 312 26.23 13.81 -19.33
N ILE B 313 26.35 14.52 -20.41
CA ILE B 313 25.19 15.00 -21.13
C ILE B 313 25.05 14.18 -22.39
N ALA B 314 24.00 13.41 -22.47
CA ALA B 314 23.81 12.53 -23.60
C ALA B 314 22.64 13.05 -24.39
N LEU B 315 22.92 13.57 -25.55
CA LEU B 315 21.85 14.15 -26.32
C LEU B 315 21.48 13.23 -27.46
N ARG B 316 20.31 13.46 -28.00
CA ARG B 316 19.82 12.71 -29.11
C ARG B 316 19.51 13.67 -30.24
N GLY B 317 19.74 13.24 -31.46
CA GLY B 317 19.36 14.05 -32.59
C GLY B 317 20.46 15.00 -32.96
N GLU B 318 20.14 15.96 -33.82
CA GLU B 318 21.17 16.85 -34.33
C GLU B 318 21.52 17.91 -33.31
N ASN B 319 22.75 17.83 -32.84
CA ASN B 319 23.30 18.71 -31.82
C ASN B 319 24.73 19.03 -32.20
N PRO B 320 24.94 20.04 -33.02
CA PRO B 320 26.26 20.40 -33.51
C PRO B 320 27.15 20.65 -32.32
N HIS B 321 28.39 20.23 -32.41
CA HIS B 321 29.28 20.34 -31.27
C HIS B 321 29.77 21.74 -31.03
N SER B 322 29.71 22.61 -32.01
CA SER B 322 30.16 23.96 -31.75
C SER B 322 29.22 24.64 -30.81
N ILE B 323 27.94 24.33 -30.94
CA ILE B 323 26.96 24.90 -30.06
C ILE B 323 27.08 24.30 -28.70
N LEU B 324 27.25 22.99 -28.62
CA LEU B 324 27.33 22.38 -27.32
C LEU B 324 28.50 22.94 -26.56
N GLN B 325 29.63 23.10 -27.22
CA GLN B 325 30.80 23.60 -26.52
C GLN B 325 30.65 25.04 -26.09
N ASN B 326 29.99 25.88 -26.88
CA ASN B 326 29.84 27.24 -26.39
C ASN B 326 28.78 27.34 -25.33
N SER B 327 27.75 26.54 -25.45
CA SER B 327 26.65 26.55 -24.51
C SER B 327 27.09 26.18 -23.12
N ILE B 328 27.98 25.19 -23.02
CA ILE B 328 28.49 24.67 -21.75
C ILE B 328 29.18 25.74 -20.93
N LYS B 329 29.62 26.81 -21.56
CA LYS B 329 30.29 27.84 -20.81
C LYS B 329 29.32 28.63 -19.96
N GLY B 330 28.05 28.51 -20.25
CA GLY B 330 27.02 29.18 -19.51
C GLY B 330 26.77 28.51 -18.19
N PHE B 331 27.41 27.40 -17.98
CA PHE B 331 27.31 26.69 -16.77
C PHE B 331 28.42 27.10 -15.84
N GLY B 332 29.24 28.07 -16.23
CA GLY B 332 30.40 28.42 -15.43
C GLY B 332 30.12 28.84 -14.00
N ASP B 333 28.99 29.44 -13.75
CA ASP B 333 28.65 29.86 -12.42
C ASP B 333 27.80 28.85 -11.69
N ARG B 334 27.54 27.72 -12.30
CA ARG B 334 26.67 26.74 -11.69
C ARG B 334 27.31 25.39 -11.57
N VAL B 335 27.90 24.88 -12.61
CA VAL B 335 28.34 23.53 -12.54
C VAL B 335 29.76 23.50 -12.05
N LYS B 336 29.92 23.21 -10.77
CA LYS B 336 31.21 23.21 -10.10
C LYS B 336 31.60 21.82 -9.64
N PHE B 337 32.76 21.37 -10.02
CA PHE B 337 33.24 20.04 -9.66
C PHE B 337 34.13 20.15 -8.44
N SER B 338 34.10 19.14 -7.60
CA SER B 338 34.94 19.17 -6.43
C SER B 338 36.39 18.87 -6.79
N GLU B 339 37.30 19.59 -6.18
CA GLU B 339 38.71 19.47 -6.53
C GLU B 339 39.39 18.30 -5.86
N ILE B 340 38.82 17.14 -6.12
CA ILE B 340 39.36 15.86 -5.72
C ILE B 340 39.44 15.02 -6.94
N PHE B 341 38.76 15.51 -7.97
CA PHE B 341 38.61 14.79 -9.21
C PHE B 341 38.57 15.78 -10.37
N PRO B 342 39.65 15.94 -11.09
CA PRO B 342 39.84 16.96 -12.13
C PRO B 342 39.13 16.60 -13.42
N THR B 343 37.81 16.62 -13.39
CA THR B 343 37.03 16.20 -14.54
C THR B 343 36.42 17.37 -15.29
N ALA B 344 35.61 17.02 -16.28
CA ALA B 344 34.98 17.97 -17.18
C ALA B 344 33.64 17.43 -17.60
N ILE B 345 32.79 18.29 -18.13
CA ILE B 345 31.49 17.80 -18.53
C ILE B 345 31.63 17.14 -19.86
N LYS B 346 31.17 15.92 -19.97
CA LYS B 346 31.24 15.24 -21.26
C LYS B 346 29.91 15.41 -21.95
N ALA B 347 29.93 15.73 -23.24
CA ALA B 347 28.67 15.90 -23.94
C ALA B 347 28.82 15.51 -25.39
N ASP B 348 27.87 14.75 -25.89
CA ASP B 348 27.85 14.34 -27.29
C ASP B 348 26.48 13.81 -27.61
N SER B 349 26.25 13.35 -28.85
CA SER B 349 24.93 12.83 -29.19
C SER B 349 24.88 11.59 -30.07
N THR B 350 23.76 10.89 -29.97
CA THR B 350 23.37 9.73 -30.76
C THR B 350 22.13 10.06 -31.56
N THR B 351 21.70 9.16 -32.41
CA THR B 351 20.56 9.45 -33.25
C THR B 351 19.23 9.17 -32.56
N LEU B 352 18.17 9.71 -33.17
CA LEU B 352 16.78 9.52 -32.81
C LEU B 352 16.10 8.74 -33.89
N THR B 353 15.19 7.88 -33.50
CA THR B 353 14.33 7.25 -34.46
C THR B 353 12.92 7.72 -34.20
N ASP B 354 12.80 8.64 -33.26
CA ASP B 354 11.56 9.26 -32.83
C ASP B 354 11.29 10.45 -33.73
N GLU B 355 10.24 10.36 -34.51
CA GLU B 355 9.92 11.37 -35.51
C GLU B 355 9.27 12.62 -34.95
N LYS B 356 8.91 12.64 -33.69
CA LYS B 356 8.16 13.78 -33.19
C LYS B 356 9.05 14.89 -32.63
N LEU B 357 10.24 14.58 -32.18
CA LEU B 357 11.08 15.59 -31.56
C LEU B 357 12.33 15.80 -32.39
N ALA B 358 12.60 17.03 -32.74
CA ALA B 358 13.79 17.25 -33.52
C ALA B 358 15.02 16.84 -32.75
N ARG B 359 15.00 17.07 -31.45
CA ARG B 359 16.10 16.75 -30.59
C ARG B 359 15.57 16.60 -29.18
N SER B 360 16.32 15.89 -28.37
CA SER B 360 15.98 15.64 -26.99
C SER B 360 17.23 15.21 -26.28
N GLY B 361 17.15 15.03 -24.97
CA GLY B 361 18.32 14.50 -24.29
C GLY B 361 18.16 14.33 -22.80
N ILE B 362 19.18 13.70 -22.19
CA ILE B 362 19.22 13.48 -20.75
C ILE B 362 20.56 13.77 -20.16
N THR B 363 20.59 13.91 -18.86
CA THR B 363 21.87 13.98 -18.20
C THR B 363 21.94 12.99 -17.08
N LEU B 364 23.16 12.55 -16.84
CA LEU B 364 23.45 11.73 -15.71
C LEU B 364 24.40 12.50 -14.83
N MET B 365 24.06 12.69 -13.59
CA MET B 365 24.85 13.48 -12.69
C MET B 365 25.27 12.72 -11.46
N ASN B 366 26.53 12.78 -11.13
CA ASN B 366 26.99 12.25 -9.87
C ASN B 366 27.21 13.48 -9.04
N HIS B 367 26.25 13.77 -8.20
CA HIS B 367 26.18 15.06 -7.53
C HIS B 367 25.82 14.88 -6.09
N SER B 368 26.43 15.70 -5.23
CA SER B 368 26.32 15.60 -3.79
C SER B 368 24.92 15.81 -3.28
N GLY B 369 24.05 16.40 -4.07
CA GLY B 369 22.68 16.64 -3.67
C GLY B 369 21.91 15.38 -3.42
N VAL B 370 22.41 14.24 -3.84
CA VAL B 370 21.71 13.02 -3.55
C VAL B 370 21.64 12.88 -2.05
N ALA B 371 22.61 13.46 -1.36
CA ALA B 371 22.69 13.40 0.08
C ALA B 371 21.48 14.00 0.73
N ASN B 372 20.83 14.93 0.08
CA ASN B 372 19.66 15.54 0.68
C ASN B 372 18.45 14.66 0.56
N LEU B 373 18.36 13.84 -0.47
CA LEU B 373 17.28 12.88 -0.55
C LEU B 373 17.48 11.86 0.55
N PHE B 374 18.71 11.42 0.70
CA PHE B 374 19.04 10.45 1.71
C PHE B 374 18.81 11.03 3.08
N GLN B 375 19.22 12.26 3.34
CA GLN B 375 19.06 12.80 4.68
C GLN B 375 17.62 12.97 5.02
N PHE B 376 16.79 13.36 4.07
CA PHE B 376 15.38 13.48 4.36
C PHE B 376 14.83 12.15 4.84
N LEU B 377 15.13 11.09 4.12
CA LEU B 377 14.63 9.79 4.50
C LEU B 377 15.26 9.32 5.79
N LEU B 378 16.52 9.61 6.02
CA LEU B 378 17.17 9.16 7.22
C LEU B 378 16.60 9.86 8.42
N THR B 379 16.30 11.16 8.31
CA THR B 379 15.68 11.87 9.43
C THR B 379 14.37 11.26 9.78
N GLN B 380 13.56 10.95 8.77
CA GLN B 380 12.28 10.32 9.07
C GLN B 380 12.48 8.97 9.73
N PHE B 381 13.44 8.21 9.24
CA PHE B 381 13.73 6.91 9.81
C PHE B 381 14.02 7.04 11.24
N GLU B 382 14.91 7.93 11.60
CA GLU B 382 15.31 8.03 12.99
C GLU B 382 14.18 8.46 13.86
N LEU B 383 13.37 9.39 13.41
CA LEU B 383 12.29 9.89 14.24
C LEU B 383 11.30 8.78 14.57
N MET B 384 10.94 7.97 13.58
CA MET B 384 10.06 6.85 13.83
C MET B 384 10.76 5.76 14.62
N TYR B 385 12.00 5.49 14.28
CA TYR B 385 12.71 4.38 14.87
C TYR B 385 12.87 4.56 16.34
N ASP B 386 13.17 5.76 16.76
CA ASP B 386 13.40 6.03 18.16
C ASP B 386 12.17 5.78 19.03
N HIS B 387 10.99 5.69 18.47
CA HIS B 387 9.80 5.41 19.24
C HIS B 387 9.21 4.08 18.87
N ASP B 388 9.96 3.28 18.15
CA ASP B 388 9.57 1.96 17.67
C ASP B 388 8.27 1.97 16.89
N ALA B 389 8.01 3.01 16.16
CA ALA B 389 6.76 3.00 15.46
C ALA B 389 6.88 2.07 14.29
N PHE B 390 6.00 1.11 14.23
CA PHE B 390 5.93 0.18 13.17
C PHE B 390 7.11 -0.74 13.12
N THR B 391 7.87 -0.87 14.18
CA THR B 391 9.01 -1.75 14.08
C THR B 391 8.70 -3.17 14.41
N THR B 392 7.59 -3.40 15.09
CA THR B 392 7.19 -4.75 15.49
C THR B 392 6.91 -5.61 14.29
N TRP B 393 6.45 -4.99 13.23
CA TRP B 393 6.08 -5.71 12.04
C TRP B 393 7.27 -6.29 11.34
N TYR B 394 8.42 -5.74 11.52
CA TYR B 394 9.58 -6.29 10.87
C TYR B 394 10.22 -7.30 11.76
N TYR B 395 10.17 -7.05 13.06
CA TYR B 395 10.84 -7.92 14.00
C TYR B 395 10.24 -9.30 13.92
N GLN B 396 8.93 -9.39 13.74
CA GLN B 396 8.29 -10.70 13.70
C GLN B 396 8.54 -11.47 12.42
N GLU B 397 9.13 -10.86 11.41
CA GLU B 397 9.48 -11.55 10.17
C GLU B 397 10.93 -11.93 10.16
N GLY B 398 11.65 -11.67 11.23
CA GLY B 398 13.06 -12.02 11.29
C GLY B 398 14.03 -10.85 11.29
N MET B 399 13.58 -9.62 11.26
CA MET B 399 14.57 -8.56 11.26
C MET B 399 15.01 -8.16 12.63
N GLN B 400 15.97 -8.88 13.15
CA GLN B 400 16.53 -8.55 14.43
C GLN B 400 16.88 -7.06 14.42
N PRO B 401 16.57 -6.31 15.48
CA PRO B 401 16.75 -4.85 15.53
C PRO B 401 18.13 -4.32 15.26
N SER B 402 19.16 -5.13 15.42
CA SER B 402 20.51 -4.67 15.10
C SER B 402 20.65 -4.34 13.63
N GLU B 403 19.72 -4.85 12.82
CA GLU B 403 19.65 -4.59 11.41
C GLU B 403 19.24 -3.16 11.12
N PHE B 404 18.36 -2.62 11.92
CA PHE B 404 17.93 -1.27 11.73
C PHE B 404 19.04 -0.32 12.10
N GLU B 405 19.75 -0.64 13.16
CA GLU B 405 20.84 0.21 13.59
C GLU B 405 21.93 0.22 12.54
N ALA B 406 22.23 -0.93 11.96
CA ALA B 406 23.24 -0.97 10.92
C ALA B 406 22.85 -0.15 9.71
N ALA B 407 21.60 -0.22 9.28
CA ALA B 407 21.21 0.57 8.13
C ALA B 407 21.37 2.04 8.41
N LYS B 408 20.99 2.46 9.60
CA LYS B 408 21.10 3.86 9.95
C LYS B 408 22.53 4.30 9.83
N ASN B 409 23.44 3.48 10.34
CA ASN B 409 24.84 3.86 10.32
C ASN B 409 25.41 3.93 8.92
N ASN B 410 25.04 3.00 8.06
CA ASN B 410 25.62 3.06 6.73
C ASN B 410 25.10 4.21 5.93
N ILE B 411 23.86 4.60 6.13
CA ILE B 411 23.37 5.75 5.38
C ILE B 411 23.91 7.02 5.98
N GLN B 412 24.01 7.14 7.30
CA GLN B 412 24.57 8.38 7.82
C GLN B 412 25.98 8.54 7.34
N LYS B 413 26.72 7.44 7.26
CA LYS B 413 28.07 7.51 6.75
C LYS B 413 28.10 7.88 5.28
N LEU B 414 27.20 7.31 4.47
CA LEU B 414 27.14 7.65 3.04
C LEU B 414 26.82 9.11 2.84
N ILE B 415 25.89 9.65 3.60
CA ILE B 415 25.53 11.04 3.49
C ILE B 415 26.71 11.89 3.80
N THR B 416 27.41 11.56 4.87
CA THR B 416 28.55 12.33 5.27
C THR B 416 29.59 12.35 4.19
N GLU B 417 29.86 11.21 3.59
CA GLU B 417 30.87 11.14 2.55
C GLU B 417 30.48 11.99 1.34
N TYR B 418 29.21 11.98 0.93
CA TYR B 418 28.86 12.85 -0.18
C TYR B 418 29.01 14.32 0.17
N LYS B 419 28.57 14.73 1.35
CA LYS B 419 28.67 16.14 1.68
C LYS B 419 30.09 16.56 1.83
N GLN B 420 30.96 15.66 2.22
CA GLN B 420 32.37 15.97 2.41
C GLN B 420 33.00 16.48 1.13
N ASP B 421 32.49 16.08 -0.04
CA ASP B 421 33.09 16.51 -1.28
C ASP B 421 32.93 18.00 -1.48
N GLU B 422 32.05 18.63 -0.72
CA GLU B 422 31.82 20.07 -0.81
C GLU B 422 32.76 20.91 0.03
N TYR B 423 33.62 20.30 0.84
CA TYR B 423 34.54 20.97 1.75
C TYR B 423 35.98 20.71 1.31
PG GTP C . -27.76 -13.43 23.31
O1G GTP C . -26.93 -12.74 24.36
O2G GTP C . -28.77 -12.58 22.61
O3G GTP C . -28.23 -14.78 23.71
O3B GTP C . -26.75 -13.80 22.18
PB GTP C . -26.35 -12.56 21.31
O1B GTP C . -24.90 -12.73 21.04
O2B GTP C . -27.37 -12.55 20.23
O3A GTP C . -26.52 -11.22 22.14
PA GTP C . -26.35 -9.91 21.26
O1A GTP C . -25.29 -10.22 20.28
O2A GTP C . -27.72 -9.58 20.83
O5' GTP C . -25.93 -8.69 22.16
C5' GTP C . -26.89 -7.67 22.33
C4' GTP C . -26.18 -6.36 22.53
O4' GTP C . -25.78 -5.88 21.27
C3' GTP C . -27.16 -5.35 23.05
O3' GTP C . -26.50 -4.16 23.37
C2' GTP C . -27.88 -5.03 21.82
O2' GTP C . -28.53 -3.79 21.95
C1' GTP C . -26.72 -4.87 20.92
N9 GTP C . -27.29 -5.06 19.59
C8 GTP C . -28.06 -6.07 19.21
N7 GTP C . -28.42 -5.95 17.92
C5 GTP C . -27.87 -4.84 17.51
C6 GTP C . -27.87 -4.13 16.29
O6 GTP C . -28.51 -4.62 15.38
N1 GTP C . -27.21 -3.01 16.19
C2 GTP C . -26.53 -2.49 17.22
N2 GTP C . -25.87 -1.34 17.07
N3 GTP C . -26.50 -3.09 18.40
C4 GTP C . -27.15 -4.25 18.59
#